data_8VZE
#
_entry.id   8VZE
#
_cell.length_a   100.621
_cell.length_b   182.770
_cell.length_c   123.844
_cell.angle_alpha   90.000
_cell.angle_beta   90.000
_cell.angle_gamma   90.000
#
_symmetry.space_group_name_H-M   'C 2 2 21'
#
loop_
_entity.id
_entity.type
_entity.pdbx_description
1 polymer 'Oxalyl-CoA decarboxylase'
2 non-polymer 3-[(4-amino-2-methylpyrimidin-5-yl)methyl]-2-(hydroxymethyl)-5-(2-{[(S)-hydroxy(phosphonooxy)phosphoryl]oxy}ethyl)-4-methyl-1,3-thiazol-3-ium
3 non-polymer 'COENZYME A'
4 non-polymer "ADENOSINE-5'-DIPHOSPHATE"
5 non-polymer 'MAGNESIUM ION'
6 non-polymer 1,2-ETHANEDIOL
7 water water
#
_entity_poly.entity_id   1
_entity_poly.type   'polypeptide(L)'
_entity_poly.pdbx_seq_one_letter_code
;MATITGAQIVARALKQQGVEHMFGIVGIPVIPIAAAAQREGIKFYGFHNEQSASYAAGAVGYLTGRPGVCLAVSGPGMIH
GIAGLANAWSNNWPMILIGGANDSYQNGQGAFQEAPQIESARPYVKYAARPDSIARLPFYVEQAVRTTIYGRPGAAYLDL
PGDIISGSVEEAEVTYPGRCPEPPRTLAPEENIKAALAALKTAERPLVIVGKGAAYSRAEDEVRKFVETTGLPYLASPMG
KGVIPDDHPQSIAAARSFALQNTDLVVLMGARMNWMMHFGQPPRWNEKVRVIQMDISAEEIGTNVPTEVALVGDAKAITA
QLNAELEKNPWSYPSETTWWTGLQSKIAANAATVEPMFNDDSVPMGYYRVLRDIRDLIPKDAIISNEGASTMDIGRTVLP
NFFARTRLDAATFGTMGVGAGQAIAAASVHPDRKIICVQGDSAFGFGGMEVETAARYGLNITFVIINNNGIGGGPDELDP
AHIPPGAYTPQAHYEKMADVYGGKGYFVTTPDQLKPVLEEAMAQPKPAIVNIMISNKSGRKPQEFGWLTR
;
_entity_poly.pdbx_strand_id   A,B
#
# COMPACT_ATOMS: atom_id res chain seq x y z
N ALA A 2 1.20 38.30 -16.54
CA ALA A 2 0.31 37.85 -15.46
C ALA A 2 1.03 36.85 -14.56
N THR A 3 0.99 37.11 -13.24
CA THR A 3 1.62 36.25 -12.24
C THR A 3 0.56 35.71 -11.30
N ILE A 4 0.97 34.73 -10.50
CA ILE A 4 0.08 34.06 -9.57
C ILE A 4 0.92 33.57 -8.41
N THR A 5 0.35 33.58 -7.20
CA THR A 5 1.10 33.11 -6.03
C THR A 5 0.96 31.61 -5.85
N GLY A 6 1.87 31.05 -5.04
CA GLY A 6 1.75 29.66 -4.63
C GLY A 6 0.40 29.37 -3.98
N ALA A 7 -0.08 30.28 -3.12
CA ALA A 7 -1.38 30.09 -2.48
C ALA A 7 -2.49 30.01 -3.52
N GLN A 8 -2.45 30.86 -4.55
CA GLN A 8 -3.50 30.84 -5.55
C GLN A 8 -3.42 29.59 -6.42
N ILE A 9 -2.20 29.12 -6.71
CA ILE A 9 -2.04 27.88 -7.49
C ILE A 9 -2.60 26.70 -6.72
N VAL A 10 -2.27 26.62 -5.43
CA VAL A 10 -2.73 25.53 -4.59
C VAL A 10 -4.25 25.51 -4.53
N ALA A 11 -4.86 26.68 -4.32
CA ALA A 11 -6.32 26.71 -4.26
C ALA A 11 -6.94 26.32 -5.60
N ARG A 12 -6.40 26.80 -6.71
CA ARG A 12 -6.93 26.42 -8.02
C ARG A 12 -6.81 24.91 -8.23
N ALA A 13 -5.63 24.36 -7.94
CA ALA A 13 -5.40 22.92 -8.14
C ALA A 13 -6.35 22.08 -7.29
N LEU A 14 -6.51 22.45 -6.00
CA LEU A 14 -7.42 21.70 -5.14
C LEU A 14 -8.83 21.67 -5.71
N LYS A 15 -9.34 22.83 -6.11
CA LYS A 15 -10.68 22.89 -6.69
C LYS A 15 -10.78 22.02 -7.95
N GLN A 16 -9.75 22.10 -8.82
CA GLN A 16 -9.74 21.30 -10.04
C GLN A 16 -9.78 19.81 -9.72
N GLN A 17 -9.15 19.39 -8.63
CA GLN A 17 -9.10 17.98 -8.26
C GLN A 17 -10.32 17.51 -7.48
N GLY A 18 -11.29 18.39 -7.27
CA GLY A 18 -12.55 17.98 -6.70
C GLY A 18 -12.68 18.26 -5.23
N VAL A 19 -11.71 18.94 -4.62
CA VAL A 19 -11.83 19.32 -3.23
C VAL A 19 -12.90 20.38 -3.10
N GLU A 20 -13.87 20.14 -2.21
CA GLU A 20 -14.92 21.11 -1.99
C GLU A 20 -14.98 21.64 -0.56
N HIS A 21 -14.28 21.00 0.40
CA HIS A 21 -14.42 21.31 1.83
C HIS A 21 -13.05 21.43 2.47
N MET A 22 -12.81 22.55 3.17
CA MET A 22 -11.52 22.78 3.82
C MET A 22 -11.77 23.27 5.24
N PHE A 23 -11.14 22.62 6.22
CA PHE A 23 -11.35 22.89 7.65
C PHE A 23 -10.02 23.24 8.29
N GLY A 24 -9.94 24.32 9.04
CA GLY A 24 -8.67 24.57 9.69
C GLY A 24 -8.67 25.85 10.49
N ILE A 25 -7.47 26.37 10.73
CA ILE A 25 -7.30 27.62 11.47
C ILE A 25 -6.19 28.39 10.80
N VAL A 26 -6.45 29.66 10.50
CA VAL A 26 -5.47 30.45 9.75
C VAL A 26 -4.45 31.08 10.70
N GLY A 27 -3.34 31.48 10.10
CA GLY A 27 -2.22 32.09 10.77
C GLY A 27 -1.04 32.02 9.82
N ILE A 28 0.07 32.61 10.24
CA ILE A 28 1.33 32.48 9.49
C ILE A 28 1.62 31.01 9.25
N PRO A 29 1.92 30.57 8.00
CA PRO A 29 1.99 31.27 6.72
C PRO A 29 0.81 30.95 5.79
N VAL A 30 -0.31 30.41 6.31
CA VAL A 30 -1.34 29.85 5.44
C VAL A 30 -2.54 30.78 5.25
N ILE A 31 -2.53 31.98 5.82
CA ILE A 31 -3.62 32.95 5.60
C ILE A 31 -4.00 33.07 4.12
N PRO A 32 -3.07 33.24 3.18
CA PRO A 32 -3.52 33.43 1.79
C PRO A 32 -4.09 32.19 1.14
N ILE A 33 -3.81 30.99 1.68
CA ILE A 33 -4.40 29.77 1.13
C ILE A 33 -5.91 29.75 1.40
N ALA A 34 -6.31 30.05 2.65
CA ALA A 34 -7.73 30.10 2.96
C ALA A 34 -8.45 31.15 2.13
N ALA A 35 -7.83 32.32 1.97
CA ALA A 35 -8.43 33.38 1.16
C ALA A 35 -8.59 32.94 -0.28
N ALA A 36 -7.56 32.28 -0.84
CA ALA A 36 -7.65 31.84 -2.22
C ALA A 36 -8.64 30.69 -2.38
N ALA A 37 -8.74 29.82 -1.35
CA ALA A 37 -9.70 28.74 -1.40
C ALA A 37 -11.12 29.28 -1.47
N GLN A 38 -11.42 30.30 -0.67
CA GLN A 38 -12.76 30.90 -0.75
C GLN A 38 -13.03 31.51 -2.12
N ARG A 39 -12.03 32.19 -2.69
CA ARG A 39 -12.25 32.76 -4.02
C ARG A 39 -12.50 31.69 -5.08
N GLU A 40 -11.89 30.52 -4.93
CA GLU A 40 -12.14 29.45 -5.88
C GLU A 40 -13.43 28.70 -5.63
N GLY A 41 -14.13 29.00 -4.53
CA GLY A 41 -15.38 28.34 -4.24
C GLY A 41 -15.26 27.10 -3.39
N ILE A 42 -14.11 26.87 -2.79
CA ILE A 42 -14.01 25.86 -1.76
C ILE A 42 -14.64 26.40 -0.49
N LYS A 43 -15.42 25.59 0.20
CA LYS A 43 -16.00 26.03 1.45
C LYS A 43 -14.94 25.95 2.55
N PHE A 44 -14.58 27.08 3.15
CA PHE A 44 -13.60 27.08 4.24
C PHE A 44 -14.29 27.29 5.59
N TYR A 45 -13.97 26.44 6.57
CA TYR A 45 -14.50 26.52 7.93
C TYR A 45 -13.36 26.76 8.91
N GLY A 46 -13.42 27.89 9.63
CA GLY A 46 -12.46 28.23 10.68
C GLY A 46 -12.88 27.63 12.01
N PHE A 47 -12.12 26.65 12.49
CA PHE A 47 -12.43 25.91 13.71
C PHE A 47 -11.82 26.59 14.93
N HIS A 48 -12.11 26.07 16.13
CA HIS A 48 -11.46 26.54 17.34
C HIS A 48 -10.21 25.76 17.69
N ASN A 49 -10.06 24.55 17.15
CA ASN A 49 -8.85 23.77 17.34
C ASN A 49 -8.65 22.91 16.09
N GLU A 50 -7.40 22.81 15.64
CA GLU A 50 -7.12 22.01 14.44
C GLU A 50 -7.37 20.53 14.67
N GLN A 51 -7.30 20.07 15.91
CA GLN A 51 -7.60 18.67 16.17
C GLN A 51 -8.98 18.30 15.63
N SER A 52 -10.01 19.07 16.03
CA SER A 52 -11.36 18.82 15.55
C SER A 52 -11.44 19.02 14.03
N ALA A 53 -10.78 20.05 13.50
CA ALA A 53 -10.81 20.30 12.07
C ALA A 53 -10.25 19.11 11.29
N SER A 54 -9.20 18.48 11.82
CA SER A 54 -8.58 17.41 11.05
C SER A 54 -9.45 16.15 11.07
N TYR A 55 -10.25 15.96 12.13
CA TYR A 55 -11.22 14.87 12.11
C TYR A 55 -12.35 15.15 11.12
N ALA A 56 -12.79 16.40 11.03
CA ALA A 56 -13.78 16.78 10.02
C ALA A 56 -13.31 16.41 8.61
N ALA A 57 -12.04 16.66 8.32
CA ALA A 57 -11.54 16.40 6.97
C ALA A 57 -11.65 14.93 6.61
N GLY A 58 -11.29 14.04 7.53
CA GLY A 58 -11.39 12.62 7.24
C GLY A 58 -12.82 12.17 7.02
N ALA A 59 -13.76 12.75 7.80
CA ALA A 59 -15.17 12.38 7.65
C ALA A 59 -15.68 12.76 6.27
N VAL A 60 -15.24 13.91 5.74
CA VAL A 60 -15.58 14.26 4.37
C VAL A 60 -15.12 13.18 3.42
N GLY A 61 -13.90 12.66 3.63
CA GLY A 61 -13.38 11.62 2.75
C GLY A 61 -14.29 10.40 2.72
N TYR A 62 -14.71 9.94 3.90
CA TYR A 62 -15.64 8.81 3.99
C TYR A 62 -16.95 9.11 3.28
N LEU A 63 -17.52 10.29 3.54
CA LEU A 63 -18.86 10.59 3.06
C LEU A 63 -18.89 10.81 1.54
N THR A 64 -17.79 11.27 0.95
CA THR A 64 -17.80 11.70 -0.45
C THR A 64 -16.90 10.90 -1.38
N GLY A 65 -15.91 10.19 -0.86
CA GLY A 65 -14.91 9.50 -1.67
C GLY A 65 -13.89 10.41 -2.31
N ARG A 66 -13.80 11.65 -1.85
CA ARG A 66 -12.75 12.59 -2.21
C ARG A 66 -12.22 13.19 -0.92
N PRO A 67 -10.93 13.47 -0.84
CA PRO A 67 -10.35 13.84 0.46
C PRO A 67 -10.92 15.16 0.97
N GLY A 68 -11.28 15.19 2.25
CA GLY A 68 -11.41 16.46 2.92
C GLY A 68 -10.01 17.01 3.17
N VAL A 69 -9.91 18.34 3.24
CA VAL A 69 -8.63 18.98 3.47
C VAL A 69 -8.66 19.70 4.80
N CYS A 70 -7.60 19.53 5.59
CA CYS A 70 -7.38 20.31 6.80
C CYS A 70 -6.22 21.26 6.52
N LEU A 71 -6.40 22.54 6.84
CA LEU A 71 -5.36 23.55 6.67
C LEU A 71 -4.84 23.96 8.03
N ALA A 72 -3.53 23.86 8.22
CA ALA A 72 -2.92 24.16 9.53
C ALA A 72 -1.68 25.03 9.34
N VAL A 73 -1.41 25.90 10.33
CA VAL A 73 -0.17 26.68 10.35
C VAL A 73 1.02 25.77 10.61
N SER A 74 2.22 26.35 10.52
CA SER A 74 3.47 25.67 10.84
C SER A 74 3.49 25.14 12.29
N GLY A 75 4.40 24.20 12.52
CA GLY A 75 4.68 23.79 13.89
C GLY A 75 3.49 23.20 14.62
N PRO A 76 3.07 23.84 15.72
CA PRO A 76 2.00 23.23 16.53
C PRO A 76 0.67 23.12 15.80
N GLY A 77 0.38 23.98 14.82
CA GLY A 77 -0.85 23.82 14.05
C GLY A 77 -0.89 22.47 13.34
N MET A 78 0.18 22.15 12.61
CA MET A 78 0.29 20.88 11.90
C MET A 78 0.26 19.71 12.87
N ILE A 79 0.93 19.85 14.02
CA ILE A 79 1.01 18.74 14.97
C ILE A 79 -0.37 18.47 15.56
N HIS A 80 -1.14 19.52 15.87
CA HIS A 80 -2.54 19.30 16.28
C HIS A 80 -3.31 18.48 15.24
N GLY A 81 -3.02 18.69 13.93
CA GLY A 81 -3.71 18.00 12.85
C GLY A 81 -3.27 16.57 12.59
N ILE A 82 -2.20 16.12 13.23
CA ILE A 82 -1.78 14.73 13.11
C ILE A 82 -2.87 13.81 13.62
N ALA A 83 -3.65 14.29 14.61
CA ALA A 83 -4.78 13.51 15.11
C ALA A 83 -5.66 13.01 13.98
N GLY A 84 -6.05 13.93 13.07
CA GLY A 84 -6.88 13.53 11.94
C GLY A 84 -6.16 12.66 10.92
N LEU A 85 -4.86 12.86 10.76
CA LEU A 85 -4.10 11.92 9.90
C LEU A 85 -4.23 10.51 10.42
N ALA A 86 -4.06 10.34 11.74
CA ALA A 86 -4.08 9.01 12.33
C ALA A 86 -5.47 8.42 12.29
N ASN A 87 -6.49 9.25 12.48
CA ASN A 87 -7.85 8.71 12.40
C ASN A 87 -8.19 8.24 10.98
N ALA A 88 -7.76 8.99 9.97
CA ALA A 88 -7.97 8.56 8.60
C ALA A 88 -7.13 7.33 8.26
N TRP A 89 -5.89 7.29 8.75
CA TRP A 89 -5.08 6.09 8.62
C TRP A 89 -5.80 4.86 9.16
N SER A 90 -6.36 4.98 10.37
N SER A 90 -6.35 4.97 10.38
CA SER A 90 -6.93 3.82 11.04
CA SER A 90 -6.93 3.81 11.03
C SER A 90 -8.18 3.34 10.32
C SER A 90 -8.18 3.33 10.31
N ASN A 91 -8.92 4.25 9.68
CA ASN A 91 -10.18 3.93 9.02
C ASN A 91 -10.04 3.79 7.51
N ASN A 92 -8.83 3.98 6.95
CA ASN A 92 -8.64 4.00 5.48
C ASN A 92 -9.59 4.99 4.81
N TRP A 93 -9.57 6.23 5.30
CA TRP A 93 -10.38 7.31 4.74
C TRP A 93 -9.47 8.30 4.02
N PRO A 94 -9.91 8.84 2.89
CA PRO A 94 -9.07 9.81 2.17
C PRO A 94 -9.11 11.18 2.85
N MET A 95 -7.92 11.75 3.07
N MET A 95 -7.93 11.75 3.03
CA MET A 95 -7.82 13.02 3.78
CA MET A 95 -7.85 13.08 3.61
C MET A 95 -6.45 13.63 3.52
C MET A 95 -6.49 13.65 3.27
N ILE A 96 -6.40 14.97 3.37
CA ILE A 96 -5.15 15.70 3.18
C ILE A 96 -5.01 16.73 4.28
N LEU A 97 -3.85 16.73 4.94
CA LEU A 97 -3.45 17.80 5.85
C LEU A 97 -2.47 18.66 5.08
N ILE A 98 -2.77 19.94 4.95
CA ILE A 98 -1.84 20.90 4.35
C ILE A 98 -1.28 21.69 5.52
N GLY A 99 0.02 21.54 5.79
CA GLY A 99 0.67 22.29 6.85
C GLY A 99 1.60 23.33 6.26
N GLY A 100 1.47 24.56 6.76
CA GLY A 100 2.51 25.54 6.48
C GLY A 100 3.82 25.15 7.16
N ALA A 101 4.91 25.73 6.66
CA ALA A 101 6.24 25.54 7.24
C ALA A 101 6.98 26.86 7.16
N ASN A 102 8.05 26.99 7.96
CA ASN A 102 8.81 28.23 7.93
C ASN A 102 9.44 28.43 6.55
N ASP A 103 9.79 29.69 6.24
CA ASP A 103 10.42 30.00 4.97
C ASP A 103 11.67 29.15 4.80
N SER A 104 11.85 28.59 3.59
CA SER A 104 12.91 27.59 3.40
C SER A 104 14.29 28.17 3.66
N TYR A 105 14.49 29.45 3.36
CA TYR A 105 15.81 30.05 3.54
C TYR A 105 16.12 30.39 4.99
N GLN A 106 15.22 30.05 5.94
CA GLN A 106 15.49 30.14 7.36
C GLN A 106 15.69 28.77 8.00
N ASN A 107 15.68 27.69 7.22
CA ASN A 107 15.93 26.39 7.81
C ASN A 107 17.29 26.38 8.52
N GLY A 108 17.33 25.73 9.69
CA GLY A 108 18.55 25.65 10.47
C GLY A 108 18.72 26.81 11.43
N GLN A 109 17.95 27.87 11.28
CA GLN A 109 18.21 29.06 12.07
C GLN A 109 17.42 29.12 13.37
N GLY A 110 16.50 28.18 13.58
CA GLY A 110 15.54 28.28 14.65
C GLY A 110 14.44 29.24 14.23
N ALA A 111 13.92 28.99 13.02
CA ALA A 111 12.86 29.83 12.48
C ALA A 111 11.56 29.67 13.27
N PHE A 112 10.66 30.66 13.10
CA PHE A 112 9.35 30.57 13.73
C PHE A 112 8.62 29.29 13.32
N GLN A 113 8.30 28.46 14.33
CA GLN A 113 7.59 27.19 14.18
C GLN A 113 8.33 26.22 13.25
N GLU A 114 9.66 26.27 13.27
CA GLU A 114 10.45 25.27 12.56
C GLU A 114 10.30 23.92 13.23
N ALA A 115 9.97 22.87 12.46
CA ALA A 115 9.64 21.57 13.05
C ALA A 115 9.78 20.50 11.97
N PRO A 116 10.10 19.26 12.35
CA PRO A 116 10.21 18.13 11.40
C PRO A 116 8.84 17.58 11.03
N GLN A 117 8.08 18.35 10.25
CA GLN A 117 6.67 18.04 10.07
C GLN A 117 6.48 16.82 9.18
N ILE A 118 7.31 16.65 8.14
CA ILE A 118 7.14 15.44 7.31
C ILE A 118 7.36 14.17 8.14
N GLU A 119 8.41 14.16 8.97
CA GLU A 119 8.66 12.98 9.81
C GLU A 119 7.54 12.77 10.82
N SER A 120 6.86 13.85 11.26
CA SER A 120 5.80 13.68 12.24
C SER A 120 4.55 13.07 11.60
N ALA A 121 4.30 13.41 10.35
CA ALA A 121 3.16 12.87 9.63
C ALA A 121 3.39 11.46 9.13
N ARG A 122 4.65 11.12 8.81
CA ARG A 122 5.01 9.88 8.10
C ARG A 122 4.30 8.62 8.58
N PRO A 123 4.20 8.32 9.88
CA PRO A 123 3.64 7.01 10.27
C PRO A 123 2.21 6.81 9.82
N TYR A 124 1.48 7.87 9.51
CA TYR A 124 0.04 7.80 9.28
C TYR A 124 -0.36 8.08 7.85
N VAL A 125 0.61 8.33 6.96
CA VAL A 125 0.25 8.79 5.63
C VAL A 125 0.72 7.83 4.55
N LYS A 126 -0.07 7.76 3.49
CA LYS A 126 0.37 7.11 2.25
C LYS A 126 1.35 7.95 1.47
N TYR A 127 1.45 9.24 1.78
CA TYR A 127 2.11 10.19 0.91
C TYR A 127 2.44 11.41 1.74
N ALA A 128 3.69 11.85 1.70
CA ALA A 128 4.10 13.08 2.37
C ALA A 128 5.10 13.79 1.46
N ALA A 129 4.84 15.05 1.11
CA ALA A 129 5.76 15.73 0.20
C ALA A 129 5.84 17.21 0.55
N ARG A 130 7.06 17.75 0.42
CA ARG A 130 7.26 19.19 0.41
C ARG A 130 7.52 19.64 -1.02
N PRO A 131 6.61 20.35 -1.66
CA PRO A 131 6.84 20.75 -3.06
C PRO A 131 8.15 21.53 -3.25
N ASP A 132 8.89 21.16 -4.30
CA ASP A 132 10.24 21.72 -4.49
C ASP A 132 10.22 23.15 -5.02
N SER A 133 9.14 23.53 -5.71
CA SER A 133 9.09 24.82 -6.40
C SER A 133 7.63 25.21 -6.59
N ILE A 134 7.42 26.50 -6.76
CA ILE A 134 6.05 27.02 -6.90
C ILE A 134 5.37 26.43 -8.14
N ALA A 135 6.07 26.42 -9.28
CA ALA A 135 5.40 26.04 -10.53
C ALA A 135 5.01 24.57 -10.56
N ARG A 136 5.63 23.71 -9.73
CA ARG A 136 5.22 22.31 -9.70
C ARG A 136 4.13 22.02 -8.67
N LEU A 137 3.60 23.03 -7.98
CA LEU A 137 2.55 22.76 -7.01
C LEU A 137 1.40 21.90 -7.54
N PRO A 138 0.86 22.13 -8.74
CA PRO A 138 -0.26 21.27 -9.18
C PRO A 138 0.13 19.82 -9.34
N PHE A 139 1.40 19.54 -9.64
CA PHE A 139 1.85 18.15 -9.71
C PHE A 139 1.66 17.46 -8.37
N TYR A 140 2.06 18.14 -7.28
CA TYR A 140 1.95 17.56 -5.95
C TYR A 140 0.50 17.48 -5.49
N VAL A 141 -0.32 18.48 -5.84
CA VAL A 141 -1.73 18.42 -5.42
C VAL A 141 -2.43 17.24 -6.08
N GLU A 142 -2.24 17.06 -7.39
CA GLU A 142 -2.91 15.93 -8.04
C GLU A 142 -2.38 14.59 -7.52
N GLN A 143 -1.07 14.51 -7.27
CA GLN A 143 -0.49 13.26 -6.79
C GLN A 143 -0.99 12.94 -5.39
N ALA A 144 -1.10 13.96 -4.53
CA ALA A 144 -1.65 13.75 -3.19
C ALA A 144 -3.10 13.28 -3.26
N VAL A 145 -3.95 13.98 -4.02
CA VAL A 145 -5.35 13.60 -4.16
C VAL A 145 -5.45 12.17 -4.68
N ARG A 146 -4.73 11.87 -5.75
CA ARG A 146 -4.88 10.55 -6.35
C ARG A 146 -4.44 9.46 -5.38
N THR A 147 -3.36 9.72 -4.65
CA THR A 147 -2.86 8.72 -3.71
C THR A 147 -3.84 8.50 -2.55
N THR A 148 -4.62 9.52 -2.18
CA THR A 148 -5.56 9.28 -1.09
C THR A 148 -6.74 8.42 -1.50
N ILE A 149 -7.14 8.45 -2.78
CA ILE A 149 -8.35 7.72 -3.17
C ILE A 149 -8.09 6.49 -4.01
N TYR A 150 -6.87 6.28 -4.53
CA TYR A 150 -6.58 5.08 -5.31
C TYR A 150 -6.02 4.01 -4.38
N GLY A 151 -6.31 2.75 -4.71
CA GLY A 151 -5.87 1.68 -3.81
C GLY A 151 -6.69 1.67 -2.52
N ARG A 152 -6.04 1.25 -1.45
CA ARG A 152 -6.67 1.34 -0.14
C ARG A 152 -6.64 2.81 0.29
N PRO A 153 -7.79 3.46 0.47
CA PRO A 153 -7.77 4.92 0.68
C PRO A 153 -7.07 5.29 1.98
N GLY A 154 -6.48 6.48 2.00
CA GLY A 154 -5.72 6.88 3.17
C GLY A 154 -5.38 8.34 3.14
N ALA A 155 -4.45 8.71 4.03
CA ALA A 155 -4.14 10.11 4.31
C ALA A 155 -2.87 10.57 3.58
N ALA A 156 -2.81 11.87 3.34
CA ALA A 156 -1.63 12.49 2.75
C ALA A 156 -1.31 13.80 3.45
N TYR A 157 -0.02 14.17 3.40
CA TYR A 157 0.46 15.40 4.01
C TYR A 157 1.22 16.21 2.98
N LEU A 158 0.84 17.46 2.81
CA LEU A 158 1.59 18.42 2.00
C LEU A 158 2.23 19.47 2.91
N ASP A 159 3.55 19.61 2.81
CA ASP A 159 4.37 20.53 3.64
C ASP A 159 4.70 21.79 2.82
N LEU A 160 4.14 22.96 3.17
CA LEU A 160 4.30 24.14 2.31
C LEU A 160 5.09 25.21 3.01
N PRO A 161 6.37 25.36 2.68
CA PRO A 161 7.14 26.50 3.20
C PRO A 161 6.50 27.83 2.83
N GLY A 162 6.62 28.78 3.77
CA GLY A 162 5.95 30.04 3.59
C GLY A 162 6.34 30.77 2.32
N ASP A 163 7.58 30.58 1.85
CA ASP A 163 8.01 31.28 0.64
C ASP A 163 7.46 30.65 -0.63
N ILE A 164 7.08 29.37 -0.59
CA ILE A 164 6.35 28.76 -1.69
C ILE A 164 4.92 29.27 -1.73
N ILE A 165 4.35 29.57 -0.56
CA ILE A 165 2.98 30.09 -0.51
C ILE A 165 2.92 31.53 -0.99
N SER A 166 3.84 32.37 -0.53
CA SER A 166 3.74 33.80 -0.79
C SER A 166 4.47 34.24 -2.05
N GLY A 167 5.37 33.41 -2.59
CA GLY A 167 6.06 33.75 -3.81
C GLY A 167 5.14 33.62 -5.03
N SER A 168 5.60 34.19 -6.16
CA SER A 168 4.83 34.22 -7.40
C SER A 168 5.65 33.70 -8.57
N VAL A 169 4.95 33.19 -9.56
CA VAL A 169 5.55 32.85 -10.85
C VAL A 169 4.62 33.37 -11.93
N GLU A 170 5.15 33.43 -13.16
CA GLU A 170 4.27 33.73 -14.27
C GLU A 170 3.27 32.60 -14.49
N GLU A 171 2.01 32.96 -14.72
CA GLU A 171 0.97 31.97 -14.96
C GLU A 171 1.36 30.98 -16.06
N ALA A 172 2.06 31.46 -17.09
CA ALA A 172 2.46 30.60 -18.21
C ALA A 172 3.46 29.51 -17.80
N GLU A 173 4.08 29.63 -16.64
CA GLU A 173 4.99 28.58 -16.18
C GLU A 173 4.28 27.41 -15.53
N VAL A 174 2.96 27.45 -15.35
CA VAL A 174 2.25 26.47 -14.53
C VAL A 174 1.35 25.60 -15.40
N THR A 175 1.54 24.30 -15.28
CA THR A 175 0.68 23.31 -15.93
C THR A 175 -0.22 22.69 -14.88
N TYR A 176 -1.51 22.56 -15.19
CA TYR A 176 -2.47 21.95 -14.25
C TYR A 176 -2.94 20.61 -14.77
N PRO A 177 -2.71 19.51 -14.05
CA PRO A 177 -3.29 18.21 -14.45
C PRO A 177 -4.81 18.24 -14.52
N GLY A 178 -5.37 17.36 -15.32
CA GLY A 178 -6.80 17.14 -15.26
C GLY A 178 -7.24 16.57 -13.93
N ARG A 179 -8.54 16.70 -13.67
CA ARG A 179 -9.09 16.14 -12.43
C ARG A 179 -8.89 14.64 -12.40
N CYS A 180 -8.27 14.18 -11.31
CA CYS A 180 -8.07 12.76 -11.06
C CYS A 180 -9.41 12.04 -11.14
N PRO A 181 -9.58 11.07 -12.05
CA PRO A 181 -10.88 10.40 -12.18
C PRO A 181 -11.07 9.37 -11.09
N GLU A 182 -12.32 8.94 -10.89
CA GLU A 182 -12.57 7.89 -9.92
C GLU A 182 -11.74 6.67 -10.27
N PRO A 183 -11.18 5.95 -9.30
CA PRO A 183 -10.35 4.78 -9.61
C PRO A 183 -11.19 3.67 -10.20
N PRO A 184 -10.59 2.79 -11.00
CA PRO A 184 -11.36 1.67 -11.57
C PRO A 184 -11.80 0.72 -10.46
N ARG A 185 -12.98 0.15 -10.64
CA ARG A 185 -13.58 -0.74 -9.64
C ARG A 185 -13.19 -2.18 -9.99
N THR A 186 -12.08 -2.62 -9.40
CA THR A 186 -11.42 -3.89 -9.67
C THR A 186 -12.31 -5.10 -9.36
N LEU A 187 -12.17 -6.15 -10.19
CA LEU A 187 -12.99 -7.36 -10.16
C LEU A 187 -12.19 -8.55 -9.65
N ALA A 188 -12.91 -9.52 -9.07
CA ALA A 188 -12.33 -10.81 -8.71
C ALA A 188 -12.35 -11.78 -9.89
N PRO A 189 -11.44 -12.76 -9.91
CA PRO A 189 -11.51 -13.80 -10.94
C PRO A 189 -12.84 -14.53 -10.86
N GLU A 190 -13.35 -14.94 -12.02
CA GLU A 190 -14.64 -15.60 -12.02
C GLU A 190 -14.61 -16.90 -11.22
N GLU A 191 -13.47 -17.60 -11.24
N GLU A 191 -13.47 -17.60 -11.24
CA GLU A 191 -13.32 -18.81 -10.43
CA GLU A 191 -13.33 -18.80 -10.44
C GLU A 191 -13.56 -18.52 -8.95
C GLU A 191 -13.56 -18.52 -8.95
N ASN A 192 -13.05 -17.39 -8.47
CA ASN A 192 -13.25 -17.02 -7.06
C ASN A 192 -14.70 -16.67 -6.77
N ILE A 193 -15.37 -15.99 -7.70
CA ILE A 193 -16.79 -15.71 -7.56
C ILE A 193 -17.58 -17.02 -7.39
N LYS A 194 -17.36 -17.96 -8.31
CA LYS A 194 -18.01 -19.27 -8.19
C LYS A 194 -17.64 -19.97 -6.89
N ALA A 195 -16.36 -19.90 -6.48
CA ALA A 195 -15.93 -20.59 -5.27
C ALA A 195 -16.60 -20.02 -4.03
N ALA A 196 -16.79 -18.70 -3.99
CA ALA A 196 -17.49 -18.07 -2.87
C ALA A 196 -18.91 -18.56 -2.77
N LEU A 197 -19.61 -18.61 -3.90
CA LEU A 197 -21.01 -19.03 -3.87
C LEU A 197 -21.13 -20.51 -3.55
N ALA A 198 -20.25 -21.34 -4.13
CA ALA A 198 -20.27 -22.75 -3.80
C ALA A 198 -20.01 -22.99 -2.31
N ALA A 199 -19.07 -22.25 -1.74
CA ALA A 199 -18.78 -22.44 -0.32
C ALA A 199 -20.00 -22.07 0.53
N LEU A 200 -20.69 -20.98 0.18
CA LEU A 200 -21.91 -20.61 0.89
C LEU A 200 -22.92 -21.75 0.90
N LYS A 201 -23.00 -22.51 -0.20
CA LYS A 201 -24.00 -23.56 -0.27
C LYS A 201 -23.66 -24.73 0.63
N THR A 202 -22.43 -24.84 1.12
CA THR A 202 -22.07 -25.92 2.05
C THR A 202 -22.29 -25.55 3.51
N ALA A 203 -22.65 -24.32 3.81
CA ALA A 203 -22.67 -23.88 5.21
C ALA A 203 -23.99 -24.22 5.88
N GLU A 204 -23.92 -24.65 7.13
CA GLU A 204 -25.15 -24.89 7.88
C GLU A 204 -25.64 -23.64 8.58
N ARG A 205 -24.72 -22.73 8.93
CA ARG A 205 -25.03 -21.55 9.75
C ARG A 205 -24.31 -20.34 9.17
N PRO A 206 -24.63 -19.97 7.93
CA PRO A 206 -23.93 -18.86 7.26
C PRO A 206 -24.34 -17.51 7.78
N LEU A 207 -23.40 -16.55 7.69
CA LEU A 207 -23.64 -15.19 8.15
C LEU A 207 -22.96 -14.21 7.20
N VAL A 208 -23.64 -13.11 6.87
CA VAL A 208 -23.02 -12.01 6.11
C VAL A 208 -22.74 -10.87 7.07
N ILE A 209 -21.53 -10.29 7.02
CA ILE A 209 -21.25 -9.07 7.78
C ILE A 209 -21.05 -7.92 6.80
N VAL A 210 -21.80 -6.83 7.00
CA VAL A 210 -21.74 -5.66 6.12
C VAL A 210 -20.99 -4.56 6.86
N GLY A 211 -19.82 -4.16 6.36
CA GLY A 211 -18.99 -3.17 7.02
C GLY A 211 -18.90 -1.84 6.28
N LYS A 212 -18.13 -0.91 6.86
CA LYS A 212 -18.10 0.43 6.31
C LYS A 212 -17.24 0.50 5.06
N GLY A 213 -16.51 -0.57 4.74
CA GLY A 213 -15.90 -0.64 3.41
C GLY A 213 -16.95 -0.78 2.31
N ALA A 214 -18.01 -1.54 2.57
CA ALA A 214 -19.10 -1.60 1.61
C ALA A 214 -19.80 -0.26 1.50
N ALA A 215 -19.95 0.46 2.63
CA ALA A 215 -20.52 1.79 2.59
C ALA A 215 -19.63 2.75 1.79
N TYR A 216 -18.32 2.71 2.05
CA TYR A 216 -17.41 3.61 1.36
C TYR A 216 -17.44 3.38 -0.15
N SER A 217 -17.50 2.11 -0.55
CA SER A 217 -17.54 1.74 -1.97
C SER A 217 -18.84 2.16 -2.66
N ARG A 218 -19.86 2.56 -1.91
CA ARG A 218 -21.19 2.92 -2.44
C ARG A 218 -21.88 1.69 -2.99
N ALA A 219 -21.70 0.56 -2.31
CA ALA A 219 -22.16 -0.72 -2.77
C ALA A 219 -23.56 -1.06 -2.26
N GLU A 220 -24.29 -0.10 -1.70
CA GLU A 220 -25.47 -0.46 -0.93
C GLU A 220 -26.55 -1.12 -1.78
N ASP A 221 -26.73 -0.70 -3.04
CA ASP A 221 -27.76 -1.37 -3.85
C ASP A 221 -27.37 -2.82 -4.14
N GLU A 222 -26.09 -3.06 -4.47
N GLU A 222 -26.09 -3.03 -4.43
CA GLU A 222 -25.68 -4.43 -4.76
CA GLU A 222 -25.59 -4.36 -4.75
C GLU A 222 -25.71 -5.31 -3.51
C GLU A 222 -25.65 -5.28 -3.54
N VAL A 223 -25.32 -4.76 -2.36
CA VAL A 223 -25.30 -5.56 -1.14
C VAL A 223 -26.71 -5.94 -0.72
N ARG A 224 -27.65 -5.00 -0.78
CA ARG A 224 -29.02 -5.35 -0.42
C ARG A 224 -29.58 -6.42 -1.35
N LYS A 225 -29.32 -6.29 -2.65
CA LYS A 225 -29.78 -7.30 -3.60
C LYS A 225 -29.17 -8.66 -3.30
N PHE A 226 -27.88 -8.69 -2.96
CA PHE A 226 -27.21 -9.96 -2.63
C PHE A 226 -27.84 -10.60 -1.40
N VAL A 227 -28.00 -9.84 -0.33
CA VAL A 227 -28.58 -10.39 0.90
C VAL A 227 -30.03 -10.86 0.65
N GLU A 228 -30.81 -10.10 -0.11
CA GLU A 228 -32.20 -10.50 -0.33
C GLU A 228 -32.29 -11.71 -1.24
N THR A 229 -31.49 -11.74 -2.30
CA THR A 229 -31.51 -12.90 -3.20
C THR A 229 -31.10 -14.17 -2.47
N THR A 230 -30.03 -14.11 -1.69
CA THR A 230 -29.54 -15.31 -1.01
C THR A 230 -30.38 -15.68 0.21
N GLY A 231 -31.19 -14.74 0.72
CA GLY A 231 -31.93 -14.97 1.95
C GLY A 231 -31.05 -15.12 3.19
N LEU A 232 -29.82 -14.64 3.18
CA LEU A 232 -28.92 -14.93 4.31
C LEU A 232 -29.17 -14.01 5.51
N PRO A 233 -28.91 -14.48 6.73
CA PRO A 233 -28.87 -13.56 7.88
C PRO A 233 -27.69 -12.62 7.70
N TYR A 234 -27.84 -11.37 8.17
CA TYR A 234 -26.69 -10.46 8.09
C TYR A 234 -26.56 -9.62 9.37
N LEU A 235 -25.32 -9.21 9.64
CA LEU A 235 -24.98 -8.28 10.72
C LEU A 235 -24.30 -7.05 10.14
N ALA A 236 -24.81 -5.86 10.47
CA ALA A 236 -24.09 -4.63 10.15
C ALA A 236 -23.06 -4.31 11.22
N SER A 237 -21.86 -3.93 10.80
CA SER A 237 -20.92 -3.29 11.71
C SER A 237 -21.47 -1.94 12.12
N PRO A 238 -20.85 -1.26 13.11
CA PRO A 238 -21.45 0.00 13.58
C PRO A 238 -21.60 1.04 12.49
N MET A 239 -20.57 1.28 11.69
CA MET A 239 -20.78 2.23 10.61
C MET A 239 -21.22 1.54 9.32
N GLY A 240 -21.34 0.22 9.32
CA GLY A 240 -22.09 -0.43 8.24
C GLY A 240 -23.61 -0.35 8.38
N LYS A 241 -24.12 0.08 9.54
CA LYS A 241 -25.55 0.30 9.71
C LYS A 241 -26.09 1.15 8.56
N GLY A 242 -27.26 0.78 8.05
CA GLY A 242 -27.91 1.54 6.99
C GLY A 242 -27.53 1.20 5.56
N VAL A 243 -26.37 0.58 5.31
CA VAL A 243 -26.11 0.01 3.97
C VAL A 243 -27.33 -0.77 3.51
N ILE A 244 -27.77 -1.71 4.35
CA ILE A 244 -29.13 -2.27 4.30
C ILE A 244 -29.91 -1.53 5.39
N PRO A 245 -31.16 -1.14 5.18
CA PRO A 245 -31.90 -0.44 6.26
C PRO A 245 -31.94 -1.31 7.51
N ASP A 246 -31.79 -0.66 8.68
CA ASP A 246 -31.63 -1.40 9.94
C ASP A 246 -32.92 -2.11 10.37
N ASP A 247 -34.07 -1.76 9.80
CA ASP A 247 -35.30 -2.48 10.10
C ASP A 247 -35.52 -3.68 9.16
N HIS A 248 -34.52 -4.07 8.38
CA HIS A 248 -34.66 -5.18 7.44
C HIS A 248 -34.91 -6.49 8.18
N PRO A 249 -35.79 -7.35 7.67
CA PRO A 249 -36.11 -8.61 8.40
C PRO A 249 -34.97 -9.59 8.47
N GLN A 250 -33.93 -9.46 7.66
CA GLN A 250 -32.83 -10.41 7.75
C GLN A 250 -31.73 -9.96 8.69
N SER A 251 -31.85 -8.79 9.31
CA SER A 251 -30.85 -8.36 10.29
C SER A 251 -30.91 -9.23 11.54
N ILE A 252 -29.74 -9.67 11.99
CA ILE A 252 -29.68 -10.39 13.26
C ILE A 252 -28.88 -9.60 14.30
N ALA A 253 -28.88 -8.27 14.15
CA ALA A 253 -28.16 -7.40 15.09
C ALA A 253 -28.46 -7.74 16.55
N ALA A 254 -29.70 -8.07 16.88
CA ALA A 254 -30.09 -8.32 18.28
C ALA A 254 -29.71 -9.72 18.76
N ALA A 255 -29.02 -10.49 17.92
CA ALA A 255 -28.44 -11.77 18.32
C ALA A 255 -26.95 -11.82 17.98
N ARG A 256 -26.26 -10.68 18.09
CA ARG A 256 -24.90 -10.57 17.54
C ARG A 256 -23.96 -11.60 18.16
N SER A 257 -23.92 -11.69 19.49
CA SER A 257 -22.95 -12.60 20.12
C SER A 257 -23.23 -14.04 19.78
N PHE A 258 -24.51 -14.44 19.80
CA PHE A 258 -24.88 -15.79 19.39
C PHE A 258 -24.48 -16.05 17.95
N ALA A 259 -24.73 -15.09 17.06
CA ALA A 259 -24.43 -15.27 15.64
C ALA A 259 -22.92 -15.48 15.43
N LEU A 260 -22.09 -14.66 16.06
CA LEU A 260 -20.65 -14.81 15.80
C LEU A 260 -20.13 -16.11 16.40
N GLN A 261 -20.66 -16.47 17.57
CA GLN A 261 -20.18 -17.66 18.28
C GLN A 261 -20.52 -18.92 17.51
N ASN A 262 -21.60 -18.92 16.73
CA ASN A 262 -22.09 -20.16 16.16
C ASN A 262 -22.00 -20.25 14.63
N THR A 263 -21.74 -19.16 13.91
CA THR A 263 -21.68 -19.27 12.45
C THR A 263 -20.56 -20.22 12.03
N ASP A 264 -20.81 -21.02 10.98
CA ASP A 264 -19.71 -21.83 10.45
C ASP A 264 -19.04 -21.22 9.23
N LEU A 265 -19.60 -20.15 8.67
CA LEU A 265 -19.08 -19.54 7.45
C LEU A 265 -19.58 -18.10 7.39
N VAL A 266 -18.66 -17.16 7.33
CA VAL A 266 -19.02 -15.74 7.32
C VAL A 266 -18.55 -15.12 6.02
N VAL A 267 -19.37 -14.23 5.45
CA VAL A 267 -18.96 -13.41 4.30
C VAL A 267 -18.69 -12.01 4.82
N LEU A 268 -17.41 -11.58 4.81
CA LEU A 268 -17.03 -10.23 5.23
C LEU A 268 -17.11 -9.30 4.03
N MET A 269 -18.10 -8.42 4.02
CA MET A 269 -18.25 -7.47 2.90
C MET A 269 -17.73 -6.13 3.36
N GLY A 270 -16.44 -5.91 3.11
CA GLY A 270 -15.78 -4.69 3.51
C GLY A 270 -15.76 -4.47 5.01
N ALA A 271 -15.30 -5.48 5.77
CA ALA A 271 -15.20 -5.42 7.23
C ALA A 271 -13.97 -6.21 7.65
N ARG A 272 -13.23 -5.70 8.66
CA ARG A 272 -12.00 -6.38 9.04
C ARG A 272 -12.22 -7.33 10.21
N MET A 273 -11.42 -8.40 10.24
CA MET A 273 -11.36 -9.23 11.43
C MET A 273 -10.40 -8.61 12.45
N ASN A 274 -10.69 -7.38 12.86
CA ASN A 274 -9.85 -6.68 13.82
C ASN A 274 -10.55 -6.70 15.19
N TRP A 275 -10.16 -5.79 16.08
CA TRP A 275 -10.70 -5.81 17.43
C TRP A 275 -12.21 -5.73 17.45
N MET A 276 -12.79 -5.06 16.46
CA MET A 276 -14.25 -4.84 16.46
C MET A 276 -14.98 -6.16 16.27
N MET A 277 -14.35 -7.09 15.56
CA MET A 277 -14.92 -8.39 15.34
C MET A 277 -14.19 -9.45 16.18
N HIS A 278 -13.49 -9.03 17.23
CA HIS A 278 -12.89 -9.93 18.19
C HIS A 278 -11.89 -10.85 17.50
N PHE A 279 -11.28 -10.34 16.45
CA PHE A 279 -10.22 -10.97 15.67
C PHE A 279 -10.67 -12.25 14.97
N GLY A 280 -11.97 -12.53 14.91
CA GLY A 280 -12.43 -13.76 14.29
C GLY A 280 -12.08 -15.01 15.09
N GLN A 281 -11.71 -14.86 16.35
CA GLN A 281 -11.13 -15.94 17.16
C GLN A 281 -12.01 -16.34 18.35
N PRO A 282 -11.84 -17.57 18.84
CA PRO A 282 -12.45 -17.93 20.12
C PRO A 282 -11.97 -17.01 21.22
N PRO A 283 -12.75 -16.81 22.27
CA PRO A 283 -14.05 -17.46 22.57
C PRO A 283 -15.25 -16.86 21.83
N ARG A 284 -15.11 -15.78 21.06
CA ARG A 284 -16.27 -15.14 20.45
C ARG A 284 -16.70 -15.78 19.14
N TRP A 285 -15.81 -16.52 18.50
CA TRP A 285 -16.11 -17.23 17.28
C TRP A 285 -15.80 -18.70 17.47
N ASN A 286 -16.31 -19.54 16.57
CA ASN A 286 -15.93 -20.95 16.59
C ASN A 286 -14.52 -21.12 16.03
N GLU A 287 -13.76 -22.07 16.61
CA GLU A 287 -12.36 -22.24 16.20
C GLU A 287 -12.22 -22.66 14.75
N LYS A 288 -13.26 -23.22 14.15
CA LYS A 288 -13.18 -23.72 12.79
C LYS A 288 -13.95 -22.85 11.79
N VAL A 289 -14.28 -21.60 12.16
CA VAL A 289 -15.07 -20.77 11.25
C VAL A 289 -14.34 -20.57 9.92
N ARG A 290 -15.11 -20.63 8.85
CA ARG A 290 -14.65 -20.42 7.49
C ARG A 290 -15.00 -19.01 7.04
N VAL A 291 -14.13 -18.42 6.22
CA VAL A 291 -14.22 -17.00 5.90
C VAL A 291 -14.18 -16.79 4.39
N ILE A 292 -15.18 -16.10 3.85
CA ILE A 292 -15.12 -15.47 2.53
C ILE A 292 -14.89 -13.99 2.77
N GLN A 293 -13.83 -13.42 2.20
CA GLN A 293 -13.41 -12.08 2.58
C GLN A 293 -13.35 -11.18 1.35
N MET A 294 -14.12 -10.09 1.38
CA MET A 294 -14.18 -9.14 0.28
C MET A 294 -13.55 -7.83 0.75
N ASP A 295 -12.42 -7.48 0.17
CA ASP A 295 -11.67 -6.29 0.57
C ASP A 295 -10.86 -5.76 -0.61
N ILE A 296 -10.74 -4.43 -0.69
CA ILE A 296 -9.92 -3.80 -1.73
C ILE A 296 -8.43 -4.03 -1.46
N SER A 297 -8.08 -4.32 -0.19
CA SER A 297 -6.68 -4.45 0.23
C SER A 297 -6.28 -5.91 0.24
N ALA A 298 -5.40 -6.33 -0.70
CA ALA A 298 -4.98 -7.74 -0.69
C ALA A 298 -4.26 -8.10 0.62
N GLU A 299 -3.48 -7.16 1.14
CA GLU A 299 -2.69 -7.45 2.33
C GLU A 299 -3.55 -7.71 3.55
N GLU A 300 -4.80 -7.24 3.56
CA GLU A 300 -5.70 -7.52 4.69
C GLU A 300 -6.22 -8.97 4.68
N ILE A 301 -6.21 -9.62 3.53
CA ILE A 301 -6.75 -10.97 3.39
C ILE A 301 -6.03 -11.94 4.31
N GLY A 302 -6.79 -12.68 5.11
CA GLY A 302 -6.20 -13.70 5.96
C GLY A 302 -5.56 -13.18 7.23
N THR A 303 -5.87 -11.96 7.65
CA THR A 303 -5.41 -11.47 8.94
C THR A 303 -6.13 -12.19 10.07
N ASN A 304 -5.34 -12.71 11.03
CA ASN A 304 -5.76 -13.39 12.26
C ASN A 304 -6.34 -14.79 12.05
N VAL A 305 -7.23 -14.93 11.08
CA VAL A 305 -7.82 -16.22 10.75
C VAL A 305 -7.74 -16.45 9.24
N PRO A 306 -7.55 -17.69 8.81
CA PRO A 306 -7.35 -17.94 7.38
C PRO A 306 -8.60 -17.65 6.60
N THR A 307 -8.40 -17.24 5.34
CA THR A 307 -9.50 -16.97 4.42
C THR A 307 -9.59 -18.10 3.41
N GLU A 308 -10.80 -18.66 3.26
CA GLU A 308 -11.02 -19.77 2.35
C GLU A 308 -11.23 -19.29 0.91
N VAL A 309 -11.97 -18.19 0.74
CA VAL A 309 -12.10 -17.59 -0.58
C VAL A 309 -11.82 -16.10 -0.45
N ALA A 310 -10.82 -15.62 -1.17
CA ALA A 310 -10.49 -14.20 -1.16
C ALA A 310 -11.14 -13.50 -2.34
N LEU A 311 -11.82 -12.39 -2.08
CA LEU A 311 -12.44 -11.58 -3.13
C LEU A 311 -11.79 -10.20 -3.03
N VAL A 312 -10.72 -9.99 -3.78
CA VAL A 312 -9.95 -8.75 -3.69
C VAL A 312 -10.36 -7.81 -4.81
N GLY A 313 -10.79 -6.62 -4.45
CA GLY A 313 -11.23 -5.65 -5.42
C GLY A 313 -12.25 -4.73 -4.78
N ASP A 314 -13.00 -4.06 -5.63
CA ASP A 314 -13.98 -3.10 -5.15
C ASP A 314 -15.28 -3.81 -4.75
N ALA A 315 -15.85 -3.41 -3.59
CA ALA A 315 -17.01 -4.14 -3.07
C ALA A 315 -18.21 -4.02 -4.00
N LYS A 316 -18.46 -2.83 -4.54
CA LYS A 316 -19.61 -2.69 -5.44
C LYS A 316 -19.45 -3.59 -6.66
N ALA A 317 -18.27 -3.59 -7.27
CA ALA A 317 -18.04 -4.38 -8.49
C ALA A 317 -18.08 -5.88 -8.20
N ILE A 318 -17.47 -6.33 -7.10
CA ILE A 318 -17.46 -7.76 -6.80
C ILE A 318 -18.84 -8.24 -6.37
N THR A 319 -19.57 -7.42 -5.60
CA THR A 319 -20.92 -7.84 -5.25
C THR A 319 -21.81 -7.93 -6.49
N ALA A 320 -21.60 -7.03 -7.45
CA ALA A 320 -22.31 -7.17 -8.71
C ALA A 320 -21.95 -8.46 -9.44
N GLN A 321 -20.67 -8.86 -9.38
CA GLN A 321 -20.30 -10.15 -9.95
C GLN A 321 -21.02 -11.29 -9.23
N LEU A 322 -21.07 -11.24 -7.89
CA LEU A 322 -21.81 -12.26 -7.16
C LEU A 322 -23.28 -12.30 -7.58
N ASN A 323 -23.90 -11.13 -7.74
CA ASN A 323 -25.32 -11.10 -8.14
C ASN A 323 -25.50 -11.63 -9.55
N ALA A 324 -24.56 -11.33 -10.47
CA ALA A 324 -24.67 -11.84 -11.83
C ALA A 324 -24.57 -13.36 -11.83
N GLU A 325 -23.68 -13.91 -11.01
CA GLU A 325 -23.52 -15.37 -10.98
C GLU A 325 -24.74 -16.06 -10.34
N LEU A 326 -25.37 -15.42 -9.34
CA LEU A 326 -26.62 -15.94 -8.79
C LEU A 326 -27.75 -15.89 -9.81
N GLU A 327 -27.76 -14.89 -10.69
CA GLU A 327 -28.77 -14.93 -11.74
C GLU A 327 -28.51 -16.07 -12.70
N LYS A 328 -27.24 -16.38 -12.96
CA LYS A 328 -26.93 -17.49 -13.87
C LYS A 328 -27.19 -18.85 -13.21
N ASN A 329 -27.01 -18.95 -11.90
CA ASN A 329 -27.08 -20.22 -11.18
C ASN A 329 -27.79 -19.94 -9.85
N PRO A 330 -29.13 -19.85 -9.87
CA PRO A 330 -29.85 -19.37 -8.68
C PRO A 330 -29.64 -20.28 -7.47
N TRP A 331 -29.68 -19.64 -6.31
CA TRP A 331 -29.58 -20.35 -5.04
C TRP A 331 -30.10 -19.42 -3.96
N SER A 332 -30.77 -19.99 -2.96
CA SER A 332 -31.03 -19.17 -1.79
C SER A 332 -31.02 -20.08 -0.57
N TYR A 333 -30.70 -19.47 0.57
CA TYR A 333 -30.68 -20.14 1.86
C TYR A 333 -32.11 -20.32 2.39
N PRO A 334 -32.47 -21.51 2.90
CA PRO A 334 -33.88 -21.77 3.24
C PRO A 334 -34.38 -20.86 4.36
N SER A 335 -35.66 -20.49 4.28
CA SER A 335 -36.20 -19.59 5.30
C SER A 335 -36.54 -20.33 6.59
N GLU A 336 -36.68 -21.64 6.57
N GLU A 336 -36.68 -21.65 6.56
CA GLU A 336 -36.95 -22.43 7.76
CA GLU A 336 -36.95 -22.43 7.77
C GLU A 336 -35.75 -23.34 8.01
C GLU A 336 -35.76 -23.34 8.03
N THR A 337 -34.90 -22.95 8.98
CA THR A 337 -33.76 -23.77 9.37
C THR A 337 -33.58 -23.66 10.88
N THR A 338 -32.85 -24.60 11.47
CA THR A 338 -32.60 -24.49 12.91
C THR A 338 -31.75 -23.26 13.24
N TRP A 339 -30.91 -22.82 12.30
CA TRP A 339 -30.14 -21.58 12.43
C TRP A 339 -31.08 -20.40 12.60
N TRP A 340 -32.01 -20.24 11.65
CA TRP A 340 -32.94 -19.12 11.75
C TRP A 340 -33.73 -19.18 13.05
N THR A 341 -34.13 -20.37 13.48
CA THR A 341 -34.93 -20.49 14.69
C THR A 341 -34.12 -20.05 15.90
N GLY A 342 -32.84 -20.45 15.96
CA GLY A 342 -32.00 -20.03 17.06
C GLY A 342 -31.70 -18.54 17.04
N LEU A 343 -31.48 -17.97 15.85
CA LEU A 343 -31.28 -16.54 15.75
C LEU A 343 -32.51 -15.79 16.24
N GLN A 344 -33.71 -16.23 15.80
N GLN A 344 -33.71 -16.20 15.80
CA GLN A 344 -34.94 -15.55 16.16
CA GLN A 344 -34.91 -15.49 16.19
C GLN A 344 -35.24 -15.67 17.65
C GLN A 344 -35.21 -15.65 17.68
N SER A 345 -34.90 -16.81 18.26
CA SER A 345 -35.10 -16.98 19.69
C SER A 345 -34.26 -15.98 20.47
N LYS A 346 -33.01 -15.82 20.05
CA LYS A 346 -32.11 -14.87 20.71
C LYS A 346 -32.56 -13.43 20.50
N ILE A 347 -32.98 -13.08 19.28
CA ILE A 347 -33.51 -11.75 19.04
C ILE A 347 -34.68 -11.47 19.97
N ALA A 348 -35.64 -12.41 20.04
CA ALA A 348 -36.82 -12.17 20.86
C ALA A 348 -36.47 -12.01 22.33
N ALA A 349 -35.52 -12.81 22.81
CA ALA A 349 -35.14 -12.70 24.22
C ALA A 349 -34.48 -11.37 24.52
N ASN A 350 -33.62 -10.88 23.61
CA ASN A 350 -32.97 -9.60 23.87
C ASN A 350 -33.97 -8.45 23.74
N ALA A 351 -34.94 -8.56 22.82
CA ALA A 351 -36.03 -7.60 22.77
C ALA A 351 -36.80 -7.56 24.09
N ALA A 352 -37.12 -8.73 24.64
CA ALA A 352 -37.87 -8.73 25.90
C ALA A 352 -37.04 -8.14 27.04
N THR A 353 -35.73 -8.33 27.02
CA THR A 353 -34.91 -7.80 28.10
C THR A 353 -34.90 -6.27 28.11
N VAL A 354 -34.82 -5.65 26.93
CA VAL A 354 -34.67 -4.20 26.90
C VAL A 354 -35.99 -3.45 26.92
N GLU A 355 -37.11 -4.10 26.60
CA GLU A 355 -38.39 -3.39 26.53
C GLU A 355 -38.71 -2.64 27.83
N PRO A 356 -38.56 -3.22 29.02
CA PRO A 356 -38.85 -2.43 30.23
C PRO A 356 -37.93 -1.25 30.39
N MET A 357 -36.69 -1.35 29.89
CA MET A 357 -35.76 -0.25 30.06
C MET A 357 -36.21 0.95 29.23
N PHE A 358 -36.76 0.72 28.03
CA PHE A 358 -37.26 1.81 27.21
C PHE A 358 -38.39 2.55 27.92
N ASN A 359 -39.14 1.86 28.79
CA ASN A 359 -40.35 2.42 29.38
C ASN A 359 -40.22 2.79 30.84
N ASP A 360 -39.00 2.78 31.38
CA ASP A 360 -38.74 3.11 32.77
C ASP A 360 -38.65 4.63 32.94
N ASP A 361 -39.57 5.22 33.70
CA ASP A 361 -39.55 6.66 33.94
C ASP A 361 -38.79 7.07 35.19
N SER A 362 -38.04 6.16 35.83
CA SER A 362 -37.25 6.51 37.00
C SER A 362 -36.35 7.71 36.72
N VAL A 363 -36.16 8.54 37.73
CA VAL A 363 -35.25 9.67 37.69
C VAL A 363 -34.25 9.51 38.83
N PRO A 364 -32.94 9.63 38.59
CA PRO A 364 -32.27 10.00 37.32
C PRO A 364 -32.49 8.92 36.27
N MET A 365 -32.63 9.36 35.02
CA MET A 365 -33.10 8.51 33.92
C MET A 365 -32.02 7.56 33.44
N GLY A 366 -32.46 6.53 32.68
CA GLY A 366 -31.55 5.59 32.07
C GLY A 366 -31.30 5.87 30.59
N TYR A 367 -30.21 5.28 30.07
CA TYR A 367 -29.89 5.43 28.65
C TYR A 367 -31.06 5.06 27.74
N TYR A 368 -31.71 3.91 28.00
CA TYR A 368 -32.71 3.43 27.05
C TYR A 368 -33.92 4.35 27.02
N ARG A 369 -34.29 4.89 28.19
CA ARG A 369 -35.45 5.77 28.26
C ARG A 369 -35.20 7.04 27.46
N VAL A 370 -34.00 7.60 27.60
CA VAL A 370 -33.66 8.84 26.89
C VAL A 370 -33.51 8.58 25.40
N LEU A 371 -32.78 7.52 25.03
CA LEU A 371 -32.57 7.24 23.62
C LEU A 371 -33.86 6.86 22.89
N ARG A 372 -34.84 6.30 23.61
CA ARG A 372 -36.15 6.05 23.01
C ARG A 372 -36.72 7.32 22.38
N ASP A 373 -36.70 8.42 23.13
CA ASP A 373 -37.33 9.65 22.62
C ASP A 373 -36.45 10.33 21.57
N ILE A 374 -35.13 10.18 21.66
CA ILE A 374 -34.28 10.69 20.59
C ILE A 374 -34.56 9.94 19.30
N ARG A 375 -34.59 8.59 19.39
CA ARG A 375 -34.87 7.77 18.22
C ARG A 375 -36.15 8.19 17.53
N ASP A 376 -37.21 8.38 18.31
CA ASP A 376 -38.50 8.65 17.68
C ASP A 376 -38.59 10.04 17.04
N LEU A 377 -37.60 10.92 17.22
CA LEU A 377 -37.61 12.24 16.59
C LEU A 377 -36.51 12.45 15.55
N ILE A 378 -35.70 11.45 15.25
CA ILE A 378 -34.67 11.62 14.24
C ILE A 378 -35.31 11.44 12.87
N PRO A 379 -35.26 12.42 11.97
CA PRO A 379 -35.73 12.19 10.61
C PRO A 379 -35.04 10.98 9.99
N LYS A 380 -35.76 10.27 9.10
CA LYS A 380 -35.22 9.03 8.55
C LYS A 380 -34.01 9.23 7.64
N ASP A 381 -33.80 10.43 7.12
CA ASP A 381 -32.61 10.66 6.32
C ASP A 381 -31.60 11.53 7.05
N ALA A 382 -31.77 11.69 8.36
CA ALA A 382 -30.81 12.48 9.10
C ALA A 382 -29.45 11.80 9.15
N ILE A 383 -28.42 12.58 9.38
CA ILE A 383 -27.10 12.05 9.68
C ILE A 383 -26.90 12.06 11.18
N ILE A 384 -26.44 10.94 11.74
CA ILE A 384 -26.24 10.80 13.16
C ILE A 384 -24.74 10.78 13.44
N SER A 385 -24.30 11.67 14.33
CA SER A 385 -22.93 11.67 14.86
C SER A 385 -23.07 11.21 16.31
N ASN A 386 -22.47 10.06 16.66
CA ASN A 386 -22.73 9.45 17.96
C ASN A 386 -21.39 9.08 18.58
N GLU A 387 -21.08 9.60 19.77
CA GLU A 387 -19.73 9.48 20.32
C GLU A 387 -19.77 9.37 21.84
N GLY A 388 -18.92 8.51 22.41
CA GLY A 388 -18.84 8.31 23.84
C GLY A 388 -18.49 6.86 24.09
N ALA A 389 -18.75 6.41 25.31
CA ALA A 389 -18.64 4.98 25.58
C ALA A 389 -20.05 4.41 25.56
N SER A 390 -20.73 4.34 26.72
CA SER A 390 -22.09 3.77 26.66
C SER A 390 -23.05 4.61 25.83
N THR A 391 -22.86 5.93 25.76
CA THR A 391 -23.73 6.74 24.91
C THR A 391 -23.65 6.28 23.45
N MET A 392 -22.46 5.93 23.00
CA MET A 392 -22.26 5.51 21.61
C MET A 392 -22.65 4.04 21.43
N ASP A 393 -22.32 3.20 22.40
CA ASP A 393 -22.58 1.76 22.26
C ASP A 393 -24.06 1.46 22.36
N ILE A 394 -24.76 2.11 23.28
CA ILE A 394 -26.21 1.91 23.30
C ILE A 394 -26.89 2.70 22.18
N GLY A 395 -26.35 3.87 21.84
CA GLY A 395 -26.82 4.58 20.63
C GLY A 395 -26.72 3.73 19.37
N ARG A 396 -25.64 2.96 19.25
N ARG A 396 -25.65 2.95 19.25
CA ARG A 396 -25.48 2.05 18.09
CA ARG A 396 -25.47 2.06 18.12
C ARG A 396 -26.73 1.18 17.96
C ARG A 396 -26.62 1.06 17.99
N THR A 397 -27.15 0.57 19.07
CA THR A 397 -28.17 -0.50 19.03
C THR A 397 -29.55 0.13 18.90
N VAL A 398 -29.75 1.30 19.51
CA VAL A 398 -31.12 1.88 19.64
C VAL A 398 -31.45 2.78 18.44
N LEU A 399 -30.46 3.52 17.91
CA LEU A 399 -30.76 4.49 16.87
C LEU A 399 -30.54 3.84 15.51
N PRO A 400 -31.58 3.59 14.74
CA PRO A 400 -31.40 2.89 13.46
C PRO A 400 -30.96 3.84 12.37
N ASN A 401 -30.32 3.28 11.35
CA ASN A 401 -30.00 4.00 10.12
C ASN A 401 -30.66 3.29 8.95
N PHE A 402 -31.24 4.09 8.04
CA PHE A 402 -31.99 3.54 6.92
C PHE A 402 -31.28 3.73 5.58
N PHE A 403 -30.21 4.50 5.55
CA PHE A 403 -29.43 4.77 4.35
C PHE A 403 -27.96 4.64 4.66
N ALA A 404 -27.18 4.29 3.63
CA ALA A 404 -25.74 4.13 3.82
C ALA A 404 -25.07 5.45 4.18
N ARG A 405 -24.00 5.36 4.96
CA ARG A 405 -23.14 6.50 5.29
C ARG A 405 -23.89 7.58 6.07
N THR A 406 -24.82 7.17 6.93
CA THR A 406 -25.56 8.14 7.74
C THR A 406 -25.26 7.99 9.23
N ARG A 407 -24.30 7.15 9.63
CA ARG A 407 -23.81 7.14 11.01
C ARG A 407 -22.33 7.43 11.04
N LEU A 408 -21.92 8.41 11.82
CA LEU A 408 -20.50 8.67 12.05
C LEU A 408 -20.22 8.51 13.53
N ASP A 409 -19.30 7.63 13.89
CA ASP A 409 -19.01 7.42 15.31
C ASP A 409 -17.49 7.38 15.52
N ALA A 410 -17.07 6.87 16.67
CA ALA A 410 -15.65 6.87 17.03
C ALA A 410 -14.82 5.98 16.11
N ALA A 411 -15.47 5.04 15.42
CA ALA A 411 -14.90 4.25 14.32
C ALA A 411 -13.68 3.41 14.78
N THR A 412 -12.79 3.05 13.85
CA THR A 412 -11.83 1.98 14.15
C THR A 412 -10.85 2.36 15.24
N PHE A 413 -10.49 3.63 15.32
CA PHE A 413 -9.49 4.09 16.29
C PHE A 413 -10.12 4.39 17.67
N GLY A 414 -11.43 4.34 17.78
CA GLY A 414 -12.07 4.52 19.08
C GLY A 414 -11.84 5.92 19.61
N THR A 415 -11.84 6.92 18.73
CA THR A 415 -11.36 8.23 19.09
C THR A 415 -12.44 9.06 19.77
N MET A 416 -12.12 9.65 20.93
CA MET A 416 -12.89 10.77 21.43
C MET A 416 -12.32 12.06 20.87
N GLY A 417 -13.20 12.99 20.56
CA GLY A 417 -12.77 14.23 19.93
C GLY A 417 -13.30 14.42 18.52
N VAL A 418 -14.02 13.43 17.98
CA VAL A 418 -14.47 13.48 16.58
C VAL A 418 -15.91 14.00 16.46
N GLY A 419 -16.68 14.07 17.55
CA GLY A 419 -18.12 14.25 17.39
C GLY A 419 -18.58 15.48 16.65
N ALA A 420 -18.16 16.64 17.14
CA ALA A 420 -18.61 17.90 16.54
C ALA A 420 -18.00 18.10 15.16
N GLY A 421 -16.73 17.75 15.02
CA GLY A 421 -16.10 17.85 13.72
C GLY A 421 -16.76 16.98 12.68
N GLN A 422 -17.13 15.74 13.06
CA GLN A 422 -17.83 14.87 12.10
C GLN A 422 -19.24 15.39 11.79
N ALA A 423 -19.92 15.96 12.79
CA ALA A 423 -21.22 16.59 12.52
C ALA A 423 -21.08 17.77 11.56
N ILE A 424 -20.05 18.60 11.76
CA ILE A 424 -19.82 19.75 10.86
C ILE A 424 -19.49 19.28 9.45
N ALA A 425 -18.69 18.21 9.35
CA ALA A 425 -18.41 17.65 8.03
C ALA A 425 -19.69 17.18 7.36
N ALA A 426 -20.54 16.48 8.11
CA ALA A 426 -21.79 15.98 7.54
C ALA A 426 -22.68 17.13 7.08
N ALA A 427 -22.76 18.18 7.88
CA ALA A 427 -23.58 19.33 7.51
C ALA A 427 -23.05 19.98 6.24
N SER A 428 -21.72 20.04 6.09
CA SER A 428 -21.13 20.65 4.90
C SER A 428 -21.41 19.80 3.67
N VAL A 429 -21.34 18.47 3.79
CA VAL A 429 -21.61 17.60 2.66
C VAL A 429 -23.09 17.56 2.32
N HIS A 430 -23.95 17.62 3.35
CA HIS A 430 -25.39 17.42 3.21
C HIS A 430 -26.16 18.64 3.74
N PRO A 431 -26.11 19.77 3.02
CA PRO A 431 -26.77 20.98 3.54
C PRO A 431 -28.26 20.84 3.65
N ASP A 432 -28.84 19.85 2.99
CA ASP A 432 -30.29 19.70 2.99
C ASP A 432 -30.81 18.75 4.08
N ARG A 433 -29.95 18.19 4.92
CA ARG A 433 -30.35 17.21 5.93
C ARG A 433 -30.19 17.79 7.32
N LYS A 434 -30.96 17.23 8.26
CA LYS A 434 -30.73 17.43 9.69
C LYS A 434 -29.56 16.59 10.18
N ILE A 435 -28.66 17.18 10.97
CA ILE A 435 -27.56 16.45 11.61
C ILE A 435 -27.86 16.41 13.11
N ILE A 436 -27.83 15.23 13.70
CA ILE A 436 -28.06 15.09 15.15
C ILE A 436 -26.77 14.56 15.72
N CYS A 437 -26.22 15.27 16.70
CA CYS A 437 -24.98 14.87 17.34
C CYS A 437 -25.34 14.42 18.77
N VAL A 438 -25.12 13.14 19.09
CA VAL A 438 -25.50 12.58 20.39
C VAL A 438 -24.20 12.16 21.06
N GLN A 439 -23.79 12.91 22.09
CA GLN A 439 -22.49 12.68 22.72
C GLN A 439 -22.64 12.42 24.21
N GLY A 440 -21.79 11.53 24.73
CA GLY A 440 -21.58 11.49 26.16
C GLY A 440 -21.02 12.81 26.66
N ASP A 441 -21.10 13.02 27.99
CA ASP A 441 -20.63 14.30 28.50
C ASP A 441 -19.11 14.44 28.35
N SER A 442 -18.36 13.37 28.59
CA SER A 442 -16.92 13.46 28.37
C SER A 442 -16.62 13.74 26.89
N ALA A 443 -17.22 12.94 26.00
CA ALA A 443 -17.01 13.15 24.57
C ALA A 443 -17.26 14.61 24.19
N PHE A 444 -18.36 15.18 24.69
CA PHE A 444 -18.69 16.57 24.37
C PHE A 444 -17.54 17.50 24.69
N GLY A 445 -16.87 17.30 25.83
CA GLY A 445 -15.85 18.24 26.26
C GLY A 445 -14.57 18.24 25.42
N PHE A 446 -14.33 17.17 24.65
CA PHE A 446 -13.12 17.14 23.82
C PHE A 446 -13.14 18.20 22.74
N GLY A 447 -14.33 18.59 22.27
CA GLY A 447 -14.41 19.56 21.18
C GLY A 447 -15.58 20.51 21.32
N GLY A 448 -15.96 20.77 22.57
CA GLY A 448 -17.21 21.48 22.83
C GLY A 448 -17.24 22.89 22.27
N MET A 449 -16.07 23.54 22.15
CA MET A 449 -16.08 24.90 21.59
C MET A 449 -16.61 24.91 20.16
N GLU A 450 -16.55 23.78 19.45
CA GLU A 450 -16.99 23.81 18.05
C GLU A 450 -18.50 23.97 17.90
N VAL A 451 -19.30 23.99 18.97
CA VAL A 451 -20.71 24.38 18.83
C VAL A 451 -20.80 25.79 18.24
N GLU A 452 -19.89 26.68 18.62
CA GLU A 452 -19.91 28.02 18.03
C GLU A 452 -19.56 27.97 16.54
N THR A 453 -18.68 27.06 16.14
CA THR A 453 -18.36 26.90 14.72
C THR A 453 -19.60 26.48 13.94
N ALA A 454 -20.32 25.47 14.44
CA ALA A 454 -21.57 25.09 13.82
C ALA A 454 -22.53 26.26 13.70
N ALA A 455 -22.65 27.06 14.76
CA ALA A 455 -23.55 28.21 14.74
C ALA A 455 -23.11 29.23 13.71
N ARG A 456 -21.81 29.55 13.68
CA ARG A 456 -21.30 30.63 12.84
C ARG A 456 -21.57 30.36 11.37
N TYR A 457 -21.45 29.10 10.93
CA TYR A 457 -21.68 28.73 9.54
C TYR A 457 -23.13 28.31 9.26
N GLY A 458 -24.02 28.54 10.21
CA GLY A 458 -25.44 28.29 9.95
C GLY A 458 -25.78 26.85 9.69
N LEU A 459 -25.10 25.93 10.36
CA LEU A 459 -25.24 24.51 10.09
C LEU A 459 -26.41 23.91 10.85
N ASN A 460 -27.11 22.98 10.19
CA ASN A 460 -28.34 22.41 10.76
C ASN A 460 -28.00 21.22 11.65
N ILE A 461 -27.34 21.50 12.77
CA ILE A 461 -26.89 20.49 13.73
C ILE A 461 -27.60 20.74 15.06
N THR A 462 -28.11 19.67 15.68
CA THR A 462 -28.62 19.73 17.05
C THR A 462 -27.72 18.89 17.92
N PHE A 463 -27.24 19.48 19.01
CA PHE A 463 -26.31 18.83 19.92
C PHE A 463 -27.07 18.26 21.10
N VAL A 464 -26.96 16.95 21.33
CA VAL A 464 -27.56 16.29 22.49
C VAL A 464 -26.42 15.71 23.32
N ILE A 465 -26.43 16.00 24.62
CA ILE A 465 -25.44 15.46 25.55
C ILE A 465 -26.14 14.55 26.54
N ILE A 466 -25.64 13.33 26.67
CA ILE A 466 -26.19 12.39 27.64
C ILE A 466 -25.17 12.35 28.76
N ASN A 467 -25.55 12.90 29.90
CA ASN A 467 -24.62 13.35 30.96
C ASN A 467 -24.81 12.52 32.21
N ASN A 468 -23.79 11.70 32.55
CA ASN A 468 -23.77 10.98 33.83
C ASN A 468 -22.66 11.46 34.76
N ASN A 469 -22.14 12.68 34.54
CA ASN A 469 -21.10 13.31 35.37
C ASN A 469 -19.72 12.71 35.16
N GLY A 470 -19.47 11.96 34.08
CA GLY A 470 -18.08 11.61 33.82
C GLY A 470 -17.90 10.55 32.75
N ILE A 471 -16.67 10.04 32.74
CA ILE A 471 -16.25 8.96 31.85
C ILE A 471 -16.86 7.68 32.38
N GLY A 472 -18.01 7.27 31.84
CA GLY A 472 -18.76 6.20 32.46
C GLY A 472 -19.35 6.56 33.81
N GLY A 473 -19.54 7.85 34.08
CA GLY A 473 -20.22 8.29 35.29
C GLY A 473 -19.32 8.93 36.33
N GLY A 474 -19.91 9.82 37.12
CA GLY A 474 -19.23 10.43 38.24
C GLY A 474 -20.20 10.67 39.35
N PRO A 475 -19.69 10.92 40.56
CA PRO A 475 -20.57 11.13 41.72
C PRO A 475 -21.40 12.40 41.64
N ASP A 476 -22.42 12.46 42.52
CA ASP A 476 -23.29 13.64 42.61
C ASP A 476 -22.68 14.80 43.37
N GLU A 477 -21.68 14.53 44.20
CA GLU A 477 -20.96 15.59 44.91
C GLU A 477 -19.50 15.20 44.90
N LEU A 478 -18.62 16.18 44.70
CA LEU A 478 -17.19 15.88 44.64
C LEU A 478 -16.52 16.14 45.99
N ASP A 479 -15.69 15.20 46.41
CA ASP A 479 -14.78 15.38 47.53
C ASP A 479 -13.57 16.13 46.98
N PRO A 480 -13.34 17.37 47.41
CA PRO A 480 -12.15 18.10 46.91
C PRO A 480 -10.81 17.42 47.18
N ALA A 481 -10.69 16.58 48.22
CA ALA A 481 -9.41 15.88 48.41
C ALA A 481 -9.28 14.63 47.56
N HIS A 482 -10.35 14.17 46.91
CA HIS A 482 -10.35 12.88 46.24
C HIS A 482 -11.32 12.98 45.07
N ILE A 483 -10.91 13.70 44.03
CA ILE A 483 -11.70 13.80 42.81
C ILE A 483 -11.42 12.58 41.96
N PRO A 484 -12.42 11.76 41.60
CA PRO A 484 -12.16 10.59 40.75
C PRO A 484 -11.54 11.04 39.44
N PRO A 485 -10.56 10.30 38.93
CA PRO A 485 -9.86 10.77 37.73
C PRO A 485 -10.77 10.99 36.53
N GLY A 486 -11.91 10.29 36.46
CA GLY A 486 -12.78 10.43 35.30
C GLY A 486 -14.08 11.18 35.56
N ALA A 487 -14.17 11.92 36.67
CA ALA A 487 -15.38 12.65 37.01
C ALA A 487 -15.31 14.09 36.52
N TYR A 488 -16.48 14.67 36.30
CA TYR A 488 -16.60 16.11 36.07
C TYR A 488 -17.52 16.76 37.10
N THR A 489 -17.55 18.11 37.10
CA THR A 489 -18.47 18.87 37.92
C THR A 489 -19.86 18.26 37.83
N PRO A 490 -20.49 17.90 38.96
CA PRO A 490 -21.82 17.29 38.88
C PRO A 490 -22.85 18.26 38.32
N GLN A 491 -23.74 17.73 37.48
CA GLN A 491 -24.77 18.52 36.81
C GLN A 491 -24.15 19.75 36.12
N ALA A 492 -23.07 19.50 35.39
CA ALA A 492 -22.44 20.58 34.62
C ALA A 492 -23.40 21.09 33.57
N HIS A 493 -23.58 22.41 33.51
CA HIS A 493 -24.61 22.98 32.63
C HIS A 493 -24.02 23.32 31.25
N TYR A 494 -23.65 22.26 30.53
CA TYR A 494 -23.05 22.47 29.20
C TYR A 494 -24.00 23.22 28.25
N GLU A 495 -25.30 23.13 28.49
CA GLU A 495 -26.24 23.78 27.58
C GLU A 495 -26.11 25.31 27.66
N LYS A 496 -25.47 25.84 28.72
CA LYS A 496 -25.22 27.28 28.73
C LYS A 496 -24.24 27.69 27.64
N MET A 497 -23.46 26.76 27.09
CA MET A 497 -22.64 27.12 25.95
C MET A 497 -23.46 27.59 24.76
N ALA A 498 -24.75 27.24 24.68
CA ALA A 498 -25.53 27.78 23.58
C ALA A 498 -25.69 29.29 23.70
N ASP A 499 -25.61 29.85 24.92
CA ASP A 499 -25.67 31.29 25.07
C ASP A 499 -24.46 32.02 24.52
N VAL A 500 -23.37 31.30 24.22
CA VAL A 500 -22.20 31.97 23.66
C VAL A 500 -22.54 32.59 22.31
N TYR A 501 -23.35 31.90 21.51
CA TYR A 501 -23.64 32.35 20.14
C TYR A 501 -25.11 32.67 19.95
N GLY A 502 -25.89 32.74 21.03
CA GLY A 502 -27.27 33.16 20.90
C GLY A 502 -28.24 32.05 20.54
N GLY A 503 -27.88 30.79 20.77
CA GLY A 503 -28.77 29.68 20.56
C GLY A 503 -29.53 29.36 21.85
N LYS A 504 -30.27 28.26 21.82
CA LYS A 504 -31.06 27.84 22.98
C LYS A 504 -30.43 26.62 23.64
N GLY A 505 -30.31 26.65 24.95
CA GLY A 505 -29.82 25.52 25.72
C GLY A 505 -30.94 25.00 26.61
N TYR A 506 -31.02 23.67 26.73
CA TYR A 506 -32.05 23.03 27.52
C TYR A 506 -31.40 22.08 28.51
N PHE A 507 -31.90 22.08 29.76
CA PHE A 507 -31.42 21.18 30.80
C PHE A 507 -32.54 20.21 31.16
N VAL A 508 -32.34 18.92 30.88
CA VAL A 508 -33.40 17.92 31.01
C VAL A 508 -33.05 16.96 32.13
N THR A 509 -33.98 16.78 33.06
CA THR A 509 -33.85 15.76 34.10
C THR A 509 -35.00 14.79 34.19
N THR A 510 -36.18 15.11 33.67
CA THR A 510 -37.32 14.24 33.88
C THR A 510 -37.94 13.81 32.56
N PRO A 511 -38.54 12.61 32.50
CA PRO A 511 -39.00 12.09 31.21
C PRO A 511 -40.09 12.91 30.54
N ASP A 512 -40.91 13.64 31.32
CA ASP A 512 -41.96 14.44 30.72
C ASP A 512 -41.39 15.61 29.92
N GLN A 513 -40.11 15.94 30.14
CA GLN A 513 -39.44 17.00 29.38
C GLN A 513 -38.92 16.54 28.02
N LEU A 514 -38.72 15.22 27.82
CA LEU A 514 -37.91 14.75 26.71
C LEU A 514 -38.51 15.14 25.36
N LYS A 515 -39.76 14.76 25.15
CA LYS A 515 -40.35 15.00 23.83
C LYS A 515 -40.52 16.49 23.55
N PRO A 516 -41.10 17.30 24.43
CA PRO A 516 -41.26 18.72 24.08
C PRO A 516 -39.93 19.44 23.89
N VAL A 517 -38.93 19.11 24.70
CA VAL A 517 -37.63 19.77 24.60
C VAL A 517 -36.95 19.37 23.29
N LEU A 518 -36.88 18.06 23.02
CA LEU A 518 -36.18 17.62 21.82
C LEU A 518 -36.86 18.16 20.56
N GLU A 519 -38.20 18.16 20.52
CA GLU A 519 -38.92 18.71 19.36
C GLU A 519 -38.60 20.18 19.17
N GLU A 520 -38.65 20.98 20.24
CA GLU A 520 -38.34 22.40 20.10
C GLU A 520 -36.88 22.61 19.73
N ALA A 521 -35.97 21.82 20.31
CA ALA A 521 -34.55 22.02 20.04
C ALA A 521 -34.25 21.76 18.58
N MET A 522 -34.81 20.69 18.01
N MET A 522 -34.82 20.70 18.02
CA MET A 522 -34.49 20.35 16.64
CA MET A 522 -34.55 20.32 16.64
C MET A 522 -35.05 21.34 15.64
C MET A 522 -35.02 21.37 15.67
N ALA A 523 -36.02 22.16 16.06
CA ALA A 523 -36.63 23.14 15.16
C ALA A 523 -35.93 24.49 15.17
N GLN A 524 -34.89 24.66 15.98
CA GLN A 524 -34.29 25.98 16.16
C GLN A 524 -33.45 26.40 14.95
N PRO A 525 -33.42 27.71 14.64
CA PRO A 525 -32.62 28.23 13.53
C PRO A 525 -31.14 28.38 13.84
N LYS A 526 -30.74 28.24 15.10
CA LYS A 526 -29.35 28.07 15.51
C LYS A 526 -29.20 26.73 16.21
N PRO A 527 -27.98 26.19 16.30
CA PRO A 527 -27.81 24.88 16.98
C PRO A 527 -28.19 24.97 18.44
N ALA A 528 -29.12 24.12 18.84
CA ALA A 528 -29.54 24.01 20.23
C ALA A 528 -28.63 22.99 20.90
N ILE A 529 -28.47 23.12 22.21
CA ILE A 529 -27.77 22.11 23.02
C ILE A 529 -28.75 21.57 24.05
N VAL A 530 -28.96 20.27 24.04
CA VAL A 530 -29.84 19.63 25.00
C VAL A 530 -28.97 18.77 25.91
N ASN A 531 -28.91 19.14 27.19
CA ASN A 531 -28.07 18.48 28.20
C ASN A 531 -28.99 17.62 29.06
N ILE A 532 -28.92 16.30 28.89
CA ILE A 532 -29.85 15.36 29.52
C ILE A 532 -29.12 14.58 30.60
N MET A 533 -29.52 14.79 31.87
CA MET A 533 -28.89 14.07 32.97
C MET A 533 -29.40 12.63 33.01
N ILE A 534 -28.49 11.68 33.26
CA ILE A 534 -28.85 10.28 33.44
C ILE A 534 -28.18 9.75 34.70
N SER A 535 -28.71 8.63 35.21
CA SER A 535 -28.10 7.94 36.35
C SER A 535 -26.68 7.50 36.06
N ASN A 536 -25.79 7.66 37.05
CA ASN A 536 -24.46 7.12 36.93
C ASN A 536 -24.40 5.63 37.20
N LYS A 537 -25.54 4.98 37.41
CA LYS A 537 -25.60 3.54 37.48
C LYS A 537 -26.18 2.93 36.21
N SER A 538 -26.70 3.74 35.30
CA SER A 538 -27.29 3.20 34.09
C SER A 538 -26.22 2.64 33.18
N GLY A 539 -26.56 1.54 32.51
CA GLY A 539 -25.64 0.97 31.54
C GLY A 539 -26.39 0.06 30.59
N ARG A 540 -25.62 -0.62 29.75
CA ARG A 540 -26.16 -1.41 28.66
C ARG A 540 -26.76 -2.71 29.17
N LYS A 541 -27.60 -3.33 28.34
CA LYS A 541 -28.14 -4.63 28.70
C LYS A 541 -26.98 -5.61 28.91
N PRO A 542 -27.11 -6.53 29.88
CA PRO A 542 -26.00 -7.45 30.18
C PRO A 542 -25.62 -8.32 28.99
N GLN A 543 -24.32 -8.66 28.90
CA GLN A 543 -23.81 -9.56 27.89
C GLN A 543 -22.92 -10.62 28.52
N GLU A 544 -22.83 -11.77 27.85
CA GLU A 544 -21.94 -12.84 28.28
C GLU A 544 -20.47 -12.43 28.18
N PHE A 545 -20.12 -11.65 27.16
CA PHE A 545 -18.75 -11.18 26.94
C PHE A 545 -18.72 -9.66 26.85
N GLY A 546 -17.66 -9.07 27.39
CA GLY A 546 -17.41 -7.66 27.16
C GLY A 546 -16.86 -7.41 25.76
N TRP A 547 -17.05 -6.17 25.31
CA TRP A 547 -16.71 -5.82 23.92
C TRP A 547 -15.22 -5.80 23.66
N LEU A 548 -14.40 -5.63 24.71
CA LEU A 548 -12.95 -5.55 24.58
C LEU A 548 -12.39 -6.94 24.83
N THR A 549 -12.17 -7.69 23.74
CA THR A 549 -11.59 -9.01 23.85
C THR A 549 -10.11 -8.88 24.21
N ARG A 550 -9.71 -9.58 25.26
CA ARG A 550 -8.30 -9.61 25.67
C ARG A 550 -8.03 -10.79 26.58
N ALA B 2 7.91 -31.85 25.79
CA ALA B 2 8.73 -31.52 24.61
C ALA B 2 8.70 -30.02 24.32
N THR B 3 9.89 -29.42 24.26
CA THR B 3 10.04 -27.98 24.09
C THR B 3 10.74 -27.69 22.77
N ILE B 4 10.69 -26.42 22.35
CA ILE B 4 11.25 -25.97 21.09
C ILE B 4 11.73 -24.54 21.30
N THR B 5 12.85 -24.16 20.65
CA THR B 5 13.33 -22.79 20.78
C THR B 5 12.64 -21.87 19.78
N GLY B 6 12.74 -20.56 20.06
CA GLY B 6 12.29 -19.56 19.09
C GLY B 6 12.97 -19.73 17.74
N ALA B 7 14.27 -20.00 17.74
CA ALA B 7 14.98 -20.19 16.49
C ALA B 7 14.39 -21.36 15.71
N GLN B 8 14.05 -22.45 16.41
CA GLN B 8 13.49 -23.61 15.72
C GLN B 8 12.07 -23.32 15.23
N ILE B 9 11.29 -22.56 16.01
CA ILE B 9 9.95 -22.18 15.57
C ILE B 9 10.01 -21.34 14.30
N VAL B 10 10.92 -20.35 14.28
CA VAL B 10 11.04 -19.46 13.13
C VAL B 10 11.42 -20.24 11.88
N ALA B 11 12.39 -21.14 12.00
CA ALA B 11 12.80 -21.94 10.84
C ALA B 11 11.66 -22.81 10.32
N ARG B 12 10.92 -23.47 11.23
N ARG B 12 10.92 -23.47 11.23
CA ARG B 12 9.81 -24.30 10.79
CA ARG B 12 9.81 -24.29 10.81
C ARG B 12 8.74 -23.44 10.12
C ARG B 12 8.74 -23.44 10.12
N ALA B 13 8.42 -22.28 10.71
CA ALA B 13 7.42 -21.41 10.12
C ALA B 13 7.85 -20.89 8.76
N LEU B 14 9.12 -20.50 8.61
CA LEU B 14 9.60 -20.00 7.32
C LEU B 14 9.46 -21.06 6.25
N LYS B 15 9.90 -22.29 6.54
CA LYS B 15 9.81 -23.37 5.56
C LYS B 15 8.35 -23.62 5.19
N GLN B 16 7.48 -23.65 6.18
CA GLN B 16 6.06 -23.89 5.91
C GLN B 16 5.48 -22.81 5.01
N GLN B 17 5.98 -21.56 5.13
CA GLN B 17 5.45 -20.44 4.36
C GLN B 17 6.05 -20.36 2.97
N GLY B 18 6.92 -21.30 2.58
CA GLY B 18 7.43 -21.31 1.23
C GLY B 18 8.80 -20.69 1.07
N VAL B 19 9.45 -20.29 2.16
CA VAL B 19 10.83 -19.79 2.06
C VAL B 19 11.76 -20.96 1.77
N GLU B 20 12.62 -20.79 0.76
CA GLU B 20 13.55 -21.85 0.37
C GLU B 20 14.99 -21.43 0.40
N HIS B 21 15.26 -20.12 0.46
CA HIS B 21 16.60 -19.58 0.25
C HIS B 21 16.89 -18.53 1.30
N MET B 22 18.01 -18.66 2.01
CA MET B 22 18.37 -17.73 3.08
C MET B 22 19.85 -17.39 2.92
N PHE B 23 20.16 -16.10 3.01
CA PHE B 23 21.51 -15.60 2.78
C PHE B 23 21.88 -14.70 3.94
N GLY B 24 23.10 -14.83 4.47
CA GLY B 24 23.44 -13.92 5.57
C GLY B 24 24.78 -14.27 6.19
N ILE B 25 25.00 -13.73 7.40
CA ILE B 25 26.24 -13.98 8.13
C ILE B 25 25.85 -14.24 9.58
N VAL B 26 26.35 -15.32 10.16
CA VAL B 26 25.99 -15.71 11.51
C VAL B 26 26.85 -14.98 12.55
N GLY B 27 26.35 -15.00 13.76
CA GLY B 27 26.97 -14.38 14.93
C GLY B 27 25.87 -14.22 15.95
N ILE B 28 26.25 -13.66 17.10
CA ILE B 28 25.24 -13.41 18.13
C ILE B 28 24.20 -12.43 17.59
N PRO B 29 22.89 -12.67 17.76
CA PRO B 29 22.22 -13.82 18.40
C PRO B 29 21.60 -14.83 17.41
N VAL B 30 21.98 -14.83 16.13
CA VAL B 30 21.21 -15.57 15.11
C VAL B 30 21.85 -16.89 14.71
N ILE B 31 22.97 -17.28 15.35
CA ILE B 31 23.56 -18.59 15.03
C ILE B 31 22.52 -19.69 15.00
N PRO B 32 21.65 -19.85 16.00
CA PRO B 32 20.73 -21.00 15.99
C PRO B 32 19.69 -20.92 14.91
N ILE B 33 19.39 -19.74 14.36
CA ILE B 33 18.42 -19.64 13.27
C ILE B 33 19.01 -20.26 12.01
N ALA B 34 20.28 -20.00 11.72
CA ALA B 34 20.86 -20.58 10.51
C ALA B 34 20.95 -22.09 10.65
N ALA B 35 21.28 -22.57 11.84
CA ALA B 35 21.34 -24.01 12.06
C ALA B 35 19.96 -24.65 11.90
N ALA B 36 18.95 -24.03 12.49
CA ALA B 36 17.59 -24.57 12.38
C ALA B 36 17.10 -24.51 10.94
N ALA B 37 17.44 -23.45 10.22
CA ALA B 37 17.04 -23.33 8.82
C ALA B 37 17.59 -24.50 8.00
N GLN B 38 18.88 -24.81 8.19
CA GLN B 38 19.46 -25.93 7.46
C GLN B 38 18.76 -27.23 7.81
N ARG B 39 18.42 -27.41 9.09
CA ARG B 39 17.73 -28.66 9.47
C ARG B 39 16.35 -28.77 8.84
N GLU B 40 15.70 -27.64 8.54
CA GLU B 40 14.40 -27.63 7.89
C GLU B 40 14.50 -27.77 6.39
N GLY B 41 15.71 -27.75 5.84
CA GLY B 41 15.88 -27.85 4.41
C GLY B 41 15.80 -26.54 3.67
N ILE B 42 15.85 -25.41 4.38
CA ILE B 42 16.11 -24.13 3.74
C ILE B 42 17.57 -24.10 3.33
N LYS B 43 17.85 -23.60 2.13
CA LYS B 43 19.23 -23.48 1.66
C LYS B 43 19.83 -22.24 2.29
N PHE B 44 20.89 -22.39 3.07
CA PHE B 44 21.51 -21.25 3.75
C PHE B 44 22.89 -21.00 3.13
N TYR B 45 23.17 -19.76 2.80
CA TYR B 45 24.45 -19.35 2.23
C TYR B 45 25.12 -18.34 3.17
N GLY B 46 26.31 -18.67 3.66
CA GLY B 46 27.09 -17.72 4.44
C GLY B 46 27.96 -16.84 3.55
N PHE B 47 27.65 -15.56 3.52
CA PHE B 47 28.29 -14.56 2.68
C PHE B 47 29.48 -13.92 3.39
N HIS B 48 30.23 -13.11 2.65
CA HIS B 48 31.29 -12.30 3.22
C HIS B 48 30.83 -10.93 3.69
N ASN B 49 29.70 -10.44 3.18
CA ASN B 49 29.13 -9.18 3.66
C ASN B 49 27.61 -9.27 3.56
N GLU B 50 26.89 -8.79 4.62
CA GLU B 50 25.43 -8.79 4.59
C GLU B 50 24.87 -7.93 3.47
N GLN B 51 25.62 -6.92 3.03
CA GLN B 51 25.10 -6.09 1.95
C GLN B 51 24.79 -6.94 0.72
N SER B 52 25.77 -7.72 0.24
CA SER B 52 25.52 -8.63 -0.88
C SER B 52 24.44 -9.66 -0.59
N ALA B 53 24.45 -10.22 0.62
CA ALA B 53 23.43 -11.21 0.99
C ALA B 53 22.05 -10.61 0.88
N SER B 54 21.91 -9.34 1.26
CA SER B 54 20.56 -8.78 1.28
C SER B 54 20.05 -8.50 -0.12
N TYR B 55 20.94 -8.21 -1.07
CA TYR B 55 20.57 -8.12 -2.49
C TYR B 55 20.18 -9.48 -3.06
N ALA B 56 20.90 -10.54 -2.67
CA ALA B 56 20.51 -11.90 -3.08
C ALA B 56 19.07 -12.23 -2.64
N ALA B 57 18.68 -11.83 -1.41
CA ALA B 57 17.35 -12.18 -0.93
C ALA B 57 16.25 -11.58 -1.83
N GLY B 58 16.42 -10.34 -2.27
CA GLY B 58 15.40 -9.73 -3.10
C GLY B 58 15.34 -10.33 -4.48
N ALA B 59 16.48 -10.74 -5.03
CA ALA B 59 16.48 -11.38 -6.34
C ALA B 59 15.72 -12.71 -6.31
N VAL B 60 15.85 -13.46 -5.21
CA VAL B 60 15.03 -14.67 -5.06
C VAL B 60 13.56 -14.33 -5.15
N GLY B 61 13.14 -13.25 -4.50
CA GLY B 61 11.74 -12.86 -4.56
C GLY B 61 11.28 -12.59 -5.98
N TYR B 62 12.08 -11.86 -6.76
CA TYR B 62 11.76 -11.63 -8.17
C TYR B 62 11.68 -12.95 -8.92
N LEU B 63 12.69 -13.82 -8.73
CA LEU B 63 12.76 -15.03 -9.54
C LEU B 63 11.67 -16.04 -9.17
N THR B 64 11.20 -16.03 -7.93
CA THR B 64 10.35 -17.13 -7.45
C THR B 64 8.95 -16.73 -7.00
N GLY B 65 8.70 -15.46 -6.70
CA GLY B 65 7.40 -15.07 -6.15
C GLY B 65 7.21 -15.40 -4.69
N ARG B 66 8.25 -15.84 -3.99
CA ARG B 66 8.26 -15.95 -2.55
C ARG B 66 9.51 -15.23 -2.07
N PRO B 67 9.44 -14.56 -0.93
CA PRO B 67 10.60 -13.78 -0.46
C PRO B 67 11.81 -14.65 -0.19
N GLY B 68 12.97 -14.20 -0.68
CA GLY B 68 14.20 -14.67 -0.09
C GLY B 68 14.39 -14.02 1.27
N VAL B 69 15.20 -14.65 2.12
CA VAL B 69 15.42 -14.13 3.45
C VAL B 69 16.89 -13.78 3.61
N CYS B 70 17.15 -12.62 4.19
CA CYS B 70 18.48 -12.25 4.63
C CYS B 70 18.53 -12.36 6.14
N LEU B 71 19.55 -13.03 6.66
CA LEU B 71 19.71 -13.25 8.10
C LEU B 71 20.90 -12.44 8.58
N ALA B 72 20.67 -11.54 9.53
CA ALA B 72 21.74 -10.63 9.95
C ALA B 72 21.78 -10.54 11.47
N VAL B 73 22.99 -10.34 12.03
CA VAL B 73 23.12 -10.15 13.46
C VAL B 73 22.54 -8.78 13.87
N SER B 74 22.52 -8.53 15.17
CA SER B 74 22.09 -7.26 15.74
C SER B 74 22.95 -6.07 15.26
N GLY B 75 22.38 -4.86 15.35
CA GLY B 75 23.14 -3.65 15.11
C GLY B 75 23.70 -3.58 13.71
N PRO B 76 25.03 -3.56 13.56
CA PRO B 76 25.60 -3.34 12.22
C PRO B 76 25.27 -4.41 11.22
N GLY B 77 25.05 -5.67 11.65
CA GLY B 77 24.64 -6.67 10.69
C GLY B 77 23.34 -6.29 10.00
N MET B 78 22.32 -5.95 10.79
CA MET B 78 21.03 -5.52 10.28
C MET B 78 21.18 -4.26 9.42
N ILE B 79 22.02 -3.34 9.85
CA ILE B 79 22.16 -2.08 9.12
C ILE B 79 22.80 -2.34 7.76
N HIS B 80 23.76 -3.26 7.70
CA HIS B 80 24.31 -3.63 6.40
C HIS B 80 23.22 -4.15 5.45
N GLY B 81 22.23 -4.88 6.01
CA GLY B 81 21.13 -5.42 5.22
C GLY B 81 20.04 -4.44 4.79
N ILE B 82 20.05 -3.22 5.33
CA ILE B 82 19.10 -2.22 4.86
C ILE B 82 19.26 -1.99 3.36
N ALA B 83 20.49 -2.13 2.83
CA ALA B 83 20.70 -2.01 1.40
C ALA B 83 19.71 -2.85 0.61
N GLY B 84 19.57 -4.12 1.00
CA GLY B 84 18.66 -5.00 0.28
C GLY B 84 17.19 -4.68 0.52
N LEU B 85 16.83 -4.20 1.72
CA LEU B 85 15.46 -3.72 1.90
C LEU B 85 15.15 -2.62 0.90
N ALA B 86 16.08 -1.68 0.75
CA ALA B 86 15.84 -0.54 -0.14
C ALA B 86 15.78 -0.97 -1.60
N ASN B 87 16.62 -1.94 -1.99
CA ASN B 87 16.59 -2.40 -3.39
C ASN B 87 15.28 -3.10 -3.70
N ALA B 88 14.81 -3.93 -2.77
CA ALA B 88 13.50 -4.59 -2.91
C ALA B 88 12.36 -3.58 -2.92
N TRP B 89 12.43 -2.57 -2.05
CA TRP B 89 11.46 -1.47 -2.06
C TRP B 89 11.41 -0.78 -3.42
N SER B 90 12.57 -0.48 -3.98
CA SER B 90 12.63 0.26 -5.24
C SER B 90 12.05 -0.56 -6.40
N ASN B 91 12.21 -1.87 -6.35
CA ASN B 91 11.79 -2.77 -7.44
C ASN B 91 10.48 -3.48 -7.18
N ASN B 92 9.87 -3.28 -6.01
CA ASN B 92 8.66 -4.00 -5.59
C ASN B 92 8.87 -5.51 -5.68
N TRP B 93 9.94 -5.99 -5.05
CA TRP B 93 10.31 -7.38 -4.93
C TRP B 93 10.06 -7.87 -3.51
N PRO B 94 9.54 -9.08 -3.35
CA PRO B 94 9.29 -9.59 -1.99
C PRO B 94 10.60 -10.06 -1.36
N MET B 95 10.80 -9.63 -0.13
CA MET B 95 12.09 -9.89 0.52
C MET B 95 11.87 -9.72 2.02
N ILE B 96 12.52 -10.57 2.82
CA ILE B 96 12.47 -10.41 4.28
C ILE B 96 13.87 -10.28 4.83
N LEU B 97 14.09 -9.28 5.69
CA LEU B 97 15.31 -9.15 6.47
C LEU B 97 14.97 -9.59 7.87
N ILE B 98 15.67 -10.61 8.37
CA ILE B 98 15.51 -11.03 9.76
C ILE B 98 16.75 -10.57 10.50
N GLY B 99 16.59 -9.60 11.40
CA GLY B 99 17.71 -9.07 12.17
C GLY B 99 17.60 -9.50 13.63
N GLY B 100 18.72 -10.01 14.17
CA GLY B 100 18.79 -10.21 15.59
C GLY B 100 18.77 -8.88 16.31
N ALA B 101 18.44 -8.90 17.61
CA ALA B 101 18.51 -7.70 18.45
C ALA B 101 19.03 -8.12 19.80
N ASN B 102 19.48 -7.16 20.61
CA ASN B 102 19.95 -7.54 21.95
C ASN B 102 18.80 -8.12 22.77
N ASP B 103 19.15 -8.85 23.84
CA ASP B 103 18.15 -9.39 24.76
C ASP B 103 17.23 -8.30 25.30
N SER B 104 15.92 -8.57 25.30
CA SER B 104 14.95 -7.51 25.60
C SER B 104 15.17 -6.93 27.00
N TYR B 105 15.61 -7.76 27.95
CA TYR B 105 15.76 -7.32 29.34
C TYR B 105 17.04 -6.50 29.53
N GLN B 106 17.77 -6.23 28.45
CA GLN B 106 18.91 -5.34 28.50
C GLN B 106 18.65 -4.04 27.78
N ASN B 107 17.44 -3.84 27.25
CA ASN B 107 17.15 -2.58 26.58
C ASN B 107 17.38 -1.41 27.54
N GLY B 108 17.94 -0.32 27.02
CA GLY B 108 18.23 0.86 27.81
C GLY B 108 19.57 0.81 28.50
N GLN B 109 20.24 -0.33 28.48
CA GLN B 109 21.46 -0.49 29.25
C GLN B 109 22.72 -0.19 28.45
N GLY B 110 22.59 0.04 27.14
CA GLY B 110 23.77 0.07 26.29
C GLY B 110 24.20 -1.36 26.02
N ALA B 111 23.24 -2.19 25.64
CA ALA B 111 23.53 -3.61 25.39
C ALA B 111 24.35 -3.80 24.12
N PHE B 112 24.93 -5.00 23.99
CA PHE B 112 25.76 -5.31 22.83
C PHE B 112 24.93 -5.13 21.56
N GLN B 113 25.34 -4.19 20.70
CA GLN B 113 24.67 -3.95 19.41
C GLN B 113 23.21 -3.53 19.57
N GLU B 114 22.90 -2.82 20.66
CA GLU B 114 21.58 -2.20 20.82
C GLU B 114 21.43 -1.08 19.81
N ALA B 115 20.33 -1.08 19.05
CA ALA B 115 20.17 -0.15 17.94
C ALA B 115 18.68 0.01 17.63
N PRO B 116 18.27 1.16 17.05
CA PRO B 116 16.85 1.35 16.67
C PRO B 116 16.54 0.72 15.31
N GLN B 117 16.50 -0.61 15.26
CA GLN B 117 16.49 -1.33 13.98
C GLN B 117 15.16 -1.21 13.25
N ILE B 118 14.02 -1.23 13.99
CA ILE B 118 12.72 -1.09 13.32
C ILE B 118 12.64 0.27 12.62
N GLU B 119 13.02 1.35 13.32
CA GLU B 119 13.01 2.67 12.71
C GLU B 119 13.99 2.77 11.56
N SER B 120 15.08 2.00 11.60
CA SER B 120 16.04 2.02 10.49
C SER B 120 15.45 1.34 9.26
N ALA B 121 14.67 0.27 9.45
CA ALA B 121 14.07 -0.46 8.31
C ALA B 121 12.82 0.26 7.76
N ARG B 122 12.13 1.00 8.62
CA ARG B 122 10.80 1.54 8.30
C ARG B 122 10.66 2.20 6.92
N PRO B 123 11.56 3.07 6.47
CA PRO B 123 11.31 3.78 5.19
C PRO B 123 11.18 2.85 3.99
N TYR B 124 11.66 1.60 4.08
CA TYR B 124 11.78 0.71 2.93
C TYR B 124 10.85 -0.49 3.00
N VAL B 125 10.07 -0.64 4.07
CA VAL B 125 9.35 -1.90 4.25
C VAL B 125 7.84 -1.66 4.26
N LYS B 126 7.12 -2.68 3.77
CA LYS B 126 5.66 -2.77 3.92
C LYS B 126 5.26 -3.22 5.32
N TYR B 127 6.20 -3.75 6.09
CA TYR B 127 5.89 -4.42 7.33
C TYR B 127 7.15 -4.50 8.16
N ALA B 128 7.06 -4.12 9.42
CA ALA B 128 8.17 -4.29 10.33
C ALA B 128 7.58 -4.67 11.69
N ALA B 129 8.13 -5.72 12.29
CA ALA B 129 7.54 -6.19 13.55
C ALA B 129 8.62 -6.77 14.44
N ARG B 130 8.49 -6.53 15.73
CA ARG B 130 9.23 -7.25 16.75
C ARG B 130 8.29 -8.22 17.43
N PRO B 131 8.40 -9.53 17.21
CA PRO B 131 7.45 -10.45 17.85
C PRO B 131 7.42 -10.27 19.36
N ASP B 132 6.21 -10.25 19.94
CA ASP B 132 6.05 -9.96 21.36
C ASP B 132 6.42 -11.15 22.24
N SER B 133 6.38 -12.36 21.69
CA SER B 133 6.55 -13.56 22.50
C SER B 133 6.95 -14.72 21.60
N ILE B 134 7.54 -15.73 22.22
CA ILE B 134 8.02 -16.90 21.46
C ILE B 134 6.85 -17.62 20.82
N ALA B 135 5.77 -17.84 21.58
CA ALA B 135 4.70 -18.67 21.04
C ALA B 135 3.99 -18.03 19.83
N ARG B 136 4.02 -16.70 19.69
CA ARG B 136 3.36 -16.08 18.54
C ARG B 136 4.28 -15.93 17.35
N LEU B 137 5.53 -16.42 17.40
CA LEU B 137 6.41 -16.26 16.24
C LEU B 137 5.78 -16.68 14.91
N PRO B 138 5.05 -17.81 14.81
CA PRO B 138 4.50 -18.18 13.48
C PRO B 138 3.46 -17.17 12.96
N PHE B 139 2.73 -16.51 13.87
CA PHE B 139 1.84 -15.41 13.47
C PHE B 139 2.59 -14.35 12.70
N TYR B 140 3.74 -13.91 13.23
CA TYR B 140 4.50 -12.85 12.58
C TYR B 140 5.18 -13.32 11.29
N VAL B 141 5.71 -14.55 11.28
CA VAL B 141 6.32 -15.07 10.05
C VAL B 141 5.29 -15.12 8.93
N GLU B 142 4.09 -15.64 9.24
CA GLU B 142 3.08 -15.73 8.18
C GLU B 142 2.65 -14.35 7.73
N GLN B 143 2.47 -13.43 8.68
CA GLN B 143 2.01 -12.09 8.33
C GLN B 143 3.07 -11.36 7.50
N ALA B 144 4.35 -11.55 7.84
CA ALA B 144 5.41 -10.93 7.04
C ALA B 144 5.46 -11.50 5.63
N VAL B 145 5.49 -12.84 5.49
CA VAL B 145 5.50 -13.46 4.15
C VAL B 145 4.31 -12.96 3.34
N ARG B 146 3.09 -13.05 3.89
CA ARG B 146 1.90 -12.65 3.14
C ARG B 146 1.97 -11.18 2.71
N THR B 147 2.40 -10.31 3.60
CA THR B 147 2.51 -8.89 3.25
C THR B 147 3.54 -8.66 2.14
N THR B 148 4.63 -9.47 2.08
CA THR B 148 5.60 -9.20 1.01
C THR B 148 5.07 -9.57 -0.37
N ILE B 149 4.14 -10.52 -0.46
CA ILE B 149 3.73 -11.04 -1.77
C ILE B 149 2.30 -10.65 -2.17
N TYR B 150 1.48 -10.18 -1.24
CA TYR B 150 0.15 -9.72 -1.61
C TYR B 150 0.17 -8.24 -1.94
N GLY B 151 -0.76 -7.83 -2.81
CA GLY B 151 -0.75 -6.44 -3.27
C GLY B 151 0.51 -6.14 -4.08
N ARG B 152 0.98 -4.92 -3.96
CA ARG B 152 2.22 -4.57 -4.64
C ARG B 152 3.37 -5.18 -3.86
N PRO B 153 4.13 -6.11 -4.43
CA PRO B 153 5.10 -6.85 -3.59
C PRO B 153 6.18 -5.94 -3.02
N GLY B 154 6.71 -6.32 -1.87
CA GLY B 154 7.74 -5.49 -1.26
C GLY B 154 8.39 -6.17 -0.07
N ALA B 155 9.11 -5.36 0.71
CA ALA B 155 9.99 -5.87 1.75
C ALA B 155 9.35 -5.86 3.13
N ALA B 156 9.85 -6.76 3.98
CA ALA B 156 9.46 -6.83 5.38
C ALA B 156 10.69 -6.96 6.28
N TYR B 157 10.56 -6.52 7.53
CA TYR B 157 11.66 -6.65 8.49
C TYR B 157 11.13 -7.31 9.76
N LEU B 158 11.80 -8.37 10.23
CA LEU B 158 11.47 -9.02 11.50
C LEU B 158 12.63 -8.80 12.46
N ASP B 159 12.32 -8.19 13.62
CA ASP B 159 13.27 -7.81 14.66
C ASP B 159 13.22 -8.85 15.78
N LEU B 160 14.28 -9.69 15.93
CA LEU B 160 14.22 -10.83 16.87
C LEU B 160 15.19 -10.62 18.03
N PRO B 161 14.70 -10.20 19.19
CA PRO B 161 15.56 -10.12 20.38
C PRO B 161 16.18 -11.47 20.70
N GLY B 162 17.41 -11.45 21.22
CA GLY B 162 18.12 -12.68 21.43
C GLY B 162 17.41 -13.65 22.36
N ASP B 163 16.61 -13.14 23.30
CA ASP B 163 15.95 -14.02 24.23
C ASP B 163 14.69 -14.67 23.63
N ILE B 164 14.10 -14.08 22.60
CA ILE B 164 13.06 -14.74 21.81
C ILE B 164 13.67 -15.86 20.96
N ILE B 165 14.92 -15.71 20.52
CA ILE B 165 15.57 -16.73 19.68
C ILE B 165 16.00 -17.93 20.52
N SER B 166 16.67 -17.70 21.66
CA SER B 166 17.27 -18.76 22.45
C SER B 166 16.30 -19.35 23.48
N GLY B 167 15.22 -18.63 23.80
CA GLY B 167 14.28 -19.16 24.78
C GLY B 167 13.46 -20.28 24.19
N SER B 168 12.78 -21.03 25.07
CA SER B 168 11.98 -22.19 24.68
C SER B 168 10.57 -22.09 25.23
N VAL B 169 9.64 -22.78 24.55
CA VAL B 169 8.28 -23.00 25.02
C VAL B 169 7.93 -24.46 24.76
N GLU B 170 6.83 -24.92 25.38
CA GLU B 170 6.35 -26.24 25.04
C GLU B 170 5.76 -26.24 23.63
N GLU B 171 6.05 -27.30 22.87
CA GLU B 171 5.55 -27.37 21.50
C GLU B 171 4.04 -27.20 21.43
N ALA B 172 3.32 -27.74 22.41
CA ALA B 172 1.87 -27.63 22.42
C ALA B 172 1.38 -26.19 22.57
N GLU B 173 2.25 -25.27 23.01
CA GLU B 173 1.84 -23.87 23.12
C GLU B 173 1.84 -23.13 21.79
N VAL B 174 2.37 -23.72 20.71
CA VAL B 174 2.62 -22.99 19.46
C VAL B 174 1.65 -23.45 18.38
N THR B 175 0.97 -22.49 17.75
CA THR B 175 0.11 -22.72 16.60
C THR B 175 0.78 -22.19 15.33
N TYR B 176 0.76 -23.00 14.25
CA TYR B 176 1.36 -22.63 12.98
C TYR B 176 0.27 -22.41 11.95
N PRO B 177 0.15 -21.22 11.37
CA PRO B 177 -0.79 -21.02 10.25
C PRO B 177 -0.41 -21.89 9.07
N GLY B 178 -1.39 -22.21 8.24
CA GLY B 178 -1.09 -22.90 7.00
C GLY B 178 -0.30 -22.01 6.05
N ARG B 179 0.34 -22.65 5.06
CA ARG B 179 1.10 -21.90 4.06
C ARG B 179 0.24 -20.83 3.39
N CYS B 180 0.73 -19.60 3.37
CA CYS B 180 0.12 -18.47 2.68
C CYS B 180 -0.20 -18.86 1.23
N PRO B 181 -1.46 -18.86 0.81
CA PRO B 181 -1.76 -19.20 -0.60
C PRO B 181 -1.23 -18.14 -1.55
N GLU B 182 -1.13 -18.51 -2.83
CA GLU B 182 -0.76 -17.53 -3.85
C GLU B 182 -1.72 -16.35 -3.81
N PRO B 183 -1.24 -15.15 -4.12
CA PRO B 183 -2.10 -13.96 -4.03
C PRO B 183 -3.21 -14.01 -5.07
N PRO B 184 -4.36 -13.44 -4.77
CA PRO B 184 -5.45 -13.43 -5.76
C PRO B 184 -5.11 -12.52 -6.94
N ARG B 185 -5.46 -12.95 -8.15
CA ARG B 185 -5.06 -12.29 -9.40
C ARG B 185 -6.21 -11.42 -9.92
N THR B 186 -6.21 -10.14 -9.53
CA THR B 186 -7.33 -9.24 -9.73
C THR B 186 -7.47 -8.78 -11.20
N LEU B 187 -8.69 -8.41 -11.58
CA LEU B 187 -9.05 -8.15 -12.96
C LEU B 187 -9.51 -6.70 -13.15
N ALA B 188 -9.34 -6.20 -14.38
CA ALA B 188 -9.83 -4.89 -14.76
C ALA B 188 -11.32 -4.92 -15.10
N PRO B 189 -12.04 -3.81 -14.88
CA PRO B 189 -13.44 -3.75 -15.31
C PRO B 189 -13.55 -4.08 -16.79
N GLU B 190 -14.65 -4.74 -17.14
CA GLU B 190 -14.85 -5.09 -18.54
C GLU B 190 -14.87 -3.85 -19.43
N GLU B 191 -15.45 -2.74 -18.98
CA GLU B 191 -15.49 -1.55 -19.83
C GLU B 191 -14.11 -0.99 -20.10
N ASN B 192 -13.16 -1.19 -19.17
CA ASN B 192 -11.79 -0.74 -19.38
C ASN B 192 -11.07 -1.63 -20.39
N ILE B 193 -11.34 -2.94 -20.35
CA ILE B 193 -10.77 -3.84 -21.34
C ILE B 193 -11.23 -3.44 -22.73
N LYS B 194 -12.53 -3.17 -22.86
CA LYS B 194 -13.06 -2.74 -24.15
C LYS B 194 -12.49 -1.39 -24.57
N ALA B 195 -12.31 -0.47 -23.61
CA ALA B 195 -11.79 0.86 -23.95
C ALA B 195 -10.33 0.79 -24.40
N ALA B 196 -9.54 -0.08 -23.79
CA ALA B 196 -8.15 -0.28 -24.22
C ALA B 196 -8.09 -0.71 -25.69
N LEU B 197 -8.89 -1.72 -26.05
CA LEU B 197 -8.85 -2.21 -27.41
C LEU B 197 -9.40 -1.17 -28.38
N ALA B 198 -10.45 -0.45 -27.98
CA ALA B 198 -10.99 0.62 -28.84
C ALA B 198 -9.95 1.71 -29.09
N ALA B 199 -9.16 2.06 -28.06
CA ALA B 199 -8.13 3.07 -28.22
C ALA B 199 -7.05 2.61 -29.19
N LEU B 200 -6.65 1.34 -29.09
CA LEU B 200 -5.62 0.81 -29.98
C LEU B 200 -6.03 0.95 -31.43
N LYS B 201 -7.32 0.81 -31.72
CA LYS B 201 -7.79 0.87 -33.09
C LYS B 201 -7.76 2.27 -33.65
N THR B 202 -7.65 3.30 -32.81
CA THR B 202 -7.58 4.68 -33.29
C THR B 202 -6.15 5.17 -33.46
N ALA B 203 -5.16 4.38 -33.08
CA ALA B 203 -3.79 4.86 -33.01
C ALA B 203 -3.10 4.77 -34.37
N GLU B 204 -2.35 5.81 -34.73
CA GLU B 204 -1.54 5.72 -35.94
C GLU B 204 -0.19 5.10 -35.68
N ARG B 205 0.34 5.22 -34.45
CA ARG B 205 1.71 4.81 -34.13
C ARG B 205 1.73 4.14 -32.76
N PRO B 206 1.02 3.03 -32.62
CA PRO B 206 0.89 2.40 -31.29
C PRO B 206 2.14 1.61 -30.92
N LEU B 207 2.37 1.48 -29.62
CA LEU B 207 3.55 0.79 -29.13
C LEU B 207 3.21 0.05 -27.84
N VAL B 208 3.76 -1.16 -27.68
CA VAL B 208 3.64 -1.91 -26.43
C VAL B 208 5.00 -1.88 -25.73
N ILE B 209 5.01 -1.61 -24.43
CA ILE B 209 6.21 -1.71 -23.60
C ILE B 209 6.03 -2.84 -22.60
N VAL B 210 6.94 -3.80 -22.62
CA VAL B 210 6.85 -4.99 -21.77
C VAL B 210 7.87 -4.83 -20.65
N GLY B 211 7.41 -4.72 -19.41
CA GLY B 211 8.30 -4.48 -18.29
C GLY B 211 8.45 -5.66 -17.35
N LYS B 212 9.27 -5.44 -16.31
CA LYS B 212 9.55 -6.54 -15.40
C LYS B 212 8.39 -6.82 -14.46
N GLY B 213 7.35 -5.97 -14.48
CA GLY B 213 6.11 -6.33 -13.78
C GLY B 213 5.40 -7.46 -14.49
N ALA B 214 5.43 -7.44 -15.83
CA ALA B 214 4.90 -8.57 -16.59
C ALA B 214 5.71 -9.83 -16.31
N ALA B 215 7.04 -9.69 -16.22
CA ALA B 215 7.86 -10.87 -15.92
C ALA B 215 7.54 -11.40 -14.53
N TYR B 216 7.42 -10.51 -13.54
CA TYR B 216 7.15 -10.95 -12.17
C TYR B 216 5.81 -11.65 -12.08
N SER B 217 4.81 -11.14 -12.80
CA SER B 217 3.48 -11.73 -12.86
C SER B 217 3.47 -13.12 -13.51
N ARG B 218 4.57 -13.53 -14.17
CA ARG B 218 4.64 -14.77 -14.96
C ARG B 218 3.66 -14.72 -16.13
N ALA B 219 3.49 -13.54 -16.72
CA ALA B 219 2.51 -13.32 -17.79
C ALA B 219 3.08 -13.58 -19.19
N GLU B 220 4.23 -14.26 -19.31
CA GLU B 220 4.90 -14.27 -20.62
C GLU B 220 4.07 -14.93 -21.70
N ASP B 221 3.37 -16.04 -21.40
CA ASP B 221 2.55 -16.69 -22.42
C ASP B 221 1.47 -15.74 -22.92
N GLU B 222 0.78 -15.06 -22.00
N GLU B 222 0.81 -15.06 -21.98
CA GLU B 222 -0.32 -14.19 -22.43
CA GLU B 222 -0.29 -14.16 -22.29
C GLU B 222 0.20 -12.95 -23.15
C GLU B 222 0.19 -12.95 -23.10
N VAL B 223 1.32 -12.37 -22.70
CA VAL B 223 1.88 -11.19 -23.35
C VAL B 223 2.32 -11.52 -24.78
N ARG B 224 2.97 -12.67 -24.98
CA ARG B 224 3.37 -13.02 -26.33
C ARG B 224 2.15 -13.19 -27.22
N LYS B 225 1.13 -13.86 -26.72
CA LYS B 225 -0.10 -14.05 -27.49
C LYS B 225 -0.73 -12.71 -27.83
N PHE B 226 -0.78 -11.78 -26.86
CA PHE B 226 -1.36 -10.46 -27.11
C PHE B 226 -0.61 -9.72 -28.20
N VAL B 227 0.73 -9.67 -28.10
CA VAL B 227 1.55 -8.94 -29.08
C VAL B 227 1.46 -9.58 -30.46
N GLU B 228 1.46 -10.91 -30.54
CA GLU B 228 1.37 -11.56 -31.85
C GLU B 228 -0.02 -11.42 -32.45
N THR B 229 -1.07 -11.54 -31.63
CA THR B 229 -2.42 -11.38 -32.15
C THR B 229 -2.65 -9.99 -32.71
N THR B 230 -2.23 -8.97 -31.96
CA THR B 230 -2.45 -7.58 -32.38
C THR B 230 -1.45 -7.12 -33.43
N GLY B 231 -0.35 -7.84 -33.65
CA GLY B 231 0.70 -7.39 -34.58
C GLY B 231 1.38 -6.09 -34.17
N LEU B 232 1.37 -5.74 -32.88
CA LEU B 232 1.92 -4.45 -32.49
C LEU B 232 3.45 -4.47 -32.35
N PRO B 233 4.12 -3.36 -32.66
CA PRO B 233 5.53 -3.22 -32.28
C PRO B 233 5.65 -3.19 -30.77
N TYR B 234 6.75 -3.74 -30.24
CA TYR B 234 6.94 -3.70 -28.79
C TYR B 234 8.39 -3.41 -28.43
N LEU B 235 8.55 -2.85 -27.23
CA LEU B 235 9.83 -2.57 -26.61
C LEU B 235 9.89 -3.26 -25.25
N ALA B 236 10.94 -4.06 -25.02
CA ALA B 236 11.21 -4.59 -23.69
C ALA B 236 12.00 -3.58 -22.84
N SER B 237 11.59 -3.44 -21.60
CA SER B 237 12.43 -2.75 -20.64
C SER B 237 13.66 -3.63 -20.37
N PRO B 238 14.65 -3.11 -19.65
CA PRO B 238 15.87 -3.93 -19.47
C PRO B 238 15.60 -5.27 -18.83
N MET B 239 14.81 -5.33 -17.76
CA MET B 239 14.56 -6.64 -17.18
C MET B 239 13.28 -7.29 -17.71
N GLY B 240 12.51 -6.57 -18.53
CA GLY B 240 11.45 -7.18 -19.33
C GLY B 240 11.96 -7.92 -20.55
N LYS B 241 13.26 -7.82 -20.81
CA LYS B 241 13.86 -8.60 -21.88
C LYS B 241 13.56 -10.09 -21.67
N GLY B 242 13.22 -10.79 -22.74
CA GLY B 242 12.97 -12.22 -22.69
C GLY B 242 11.55 -12.64 -22.37
N VAL B 243 10.71 -11.76 -21.80
CA VAL B 243 9.28 -12.09 -21.66
C VAL B 243 8.75 -12.53 -23.01
N ILE B 244 9.00 -11.71 -24.03
CA ILE B 244 8.97 -12.17 -25.41
C ILE B 244 10.44 -12.42 -25.78
N PRO B 245 10.77 -13.48 -26.51
CA PRO B 245 12.19 -13.71 -26.84
C PRO B 245 12.76 -12.53 -27.61
N ASP B 246 13.99 -12.14 -27.29
CA ASP B 246 14.52 -10.89 -27.83
C ASP B 246 14.75 -10.94 -29.35
N ASP B 247 14.75 -12.11 -29.97
CA ASP B 247 14.87 -12.17 -31.43
C ASP B 247 13.51 -12.12 -32.13
N HIS B 248 12.46 -11.75 -31.40
CA HIS B 248 11.13 -11.72 -32.01
C HIS B 248 11.03 -10.64 -33.09
N PRO B 249 10.35 -10.91 -34.20
CA PRO B 249 10.33 -9.96 -35.32
C PRO B 249 9.64 -8.64 -35.03
N GLN B 250 8.80 -8.59 -34.00
CA GLN B 250 8.07 -7.35 -33.67
C GLN B 250 8.80 -6.47 -32.67
N SER B 251 9.99 -6.87 -32.21
CA SER B 251 10.74 -6.03 -31.29
C SER B 251 11.30 -4.82 -32.03
N ILE B 252 11.17 -3.63 -31.42
CA ILE B 252 11.75 -2.45 -32.03
C ILE B 252 12.85 -1.90 -31.12
N ALA B 253 13.52 -2.81 -30.40
CA ALA B 253 14.58 -2.40 -29.47
C ALA B 253 15.63 -1.52 -30.12
N ALA B 254 16.01 -1.81 -31.36
CA ALA B 254 17.03 -1.03 -32.08
C ALA B 254 16.50 0.29 -32.64
N ALA B 255 15.25 0.67 -32.35
CA ALA B 255 14.68 1.97 -32.69
C ALA B 255 14.06 2.63 -31.46
N ARG B 256 14.68 2.43 -30.28
CA ARG B 256 14.02 2.78 -29.03
C ARG B 256 13.69 4.26 -28.96
N SER B 257 14.69 5.14 -29.16
CA SER B 257 14.44 6.57 -29.00
C SER B 257 13.41 7.07 -29.99
N PHE B 258 13.52 6.63 -31.25
CA PHE B 258 12.54 7.00 -32.26
C PHE B 258 11.14 6.55 -31.87
N ALA B 259 11.01 5.32 -31.36
CA ALA B 259 9.70 4.79 -31.02
C ALA B 259 9.07 5.60 -29.90
N LEU B 260 9.84 5.87 -28.83
CA LEU B 260 9.26 6.65 -27.73
C LEU B 260 8.92 8.07 -28.18
N GLN B 261 9.76 8.66 -29.02
CA GLN B 261 9.52 10.04 -29.41
C GLN B 261 8.25 10.18 -30.25
N ASN B 262 7.93 9.15 -31.03
CA ASN B 262 6.90 9.29 -32.05
C ASN B 262 5.61 8.51 -31.76
N THR B 263 5.59 7.60 -30.81
CA THR B 263 4.35 6.88 -30.56
C THR B 263 3.25 7.86 -30.15
N ASP B 264 2.01 7.58 -30.59
CA ASP B 264 0.87 8.36 -30.12
C ASP B 264 0.03 7.62 -29.08
N LEU B 265 0.32 6.34 -28.82
CA LEU B 265 -0.44 5.57 -27.84
C LEU B 265 0.41 4.40 -27.40
N VAL B 266 0.72 4.33 -26.10
CA VAL B 266 1.57 3.28 -25.58
C VAL B 266 0.77 2.40 -24.63
N VAL B 267 1.03 1.09 -24.67
CA VAL B 267 0.48 0.12 -23.71
C VAL B 267 1.62 -0.24 -22.76
N LEU B 268 1.53 0.19 -21.49
CA LEU B 268 2.54 -0.13 -20.48
C LEU B 268 2.14 -1.43 -19.80
N MET B 269 2.87 -2.52 -20.08
CA MET B 269 2.52 -3.82 -19.50
C MET B 269 3.48 -4.07 -18.34
N GLY B 270 3.11 -3.60 -17.16
CA GLY B 270 3.94 -3.82 -16.00
C GLY B 270 5.28 -3.09 -16.09
N ALA B 271 5.22 -1.80 -16.45
CA ALA B 271 6.38 -0.92 -16.57
C ALA B 271 5.97 0.48 -16.13
N ARG B 272 6.87 1.17 -15.43
CA ARG B 272 6.54 2.50 -14.89
C ARG B 272 7.02 3.64 -15.79
N MET B 273 6.28 4.75 -15.76
CA MET B 273 6.77 5.99 -16.35
C MET B 273 7.70 6.72 -15.38
N ASN B 274 8.72 6.03 -14.92
CA ASN B 274 9.70 6.62 -14.03
C ASN B 274 10.94 7.04 -14.84
N TRP B 275 12.07 7.21 -14.15
CA TRP B 275 13.27 7.71 -14.83
C TRP B 275 13.68 6.82 -16.00
N MET B 276 13.46 5.52 -15.89
CA MET B 276 13.90 4.59 -16.91
C MET B 276 13.16 4.80 -18.23
N MET B 277 11.94 5.34 -18.18
CA MET B 277 11.16 5.70 -19.35
C MET B 277 11.07 7.21 -19.51
N HIS B 278 11.99 7.95 -18.89
CA HIS B 278 12.11 9.39 -19.13
C HIS B 278 10.83 10.12 -18.74
N PHE B 279 10.14 9.57 -17.74
CA PHE B 279 8.92 10.11 -17.14
C PHE B 279 7.75 10.23 -18.12
N GLY B 280 7.82 9.59 -19.29
CA GLY B 280 6.76 9.74 -20.28
C GLY B 280 6.62 11.15 -20.86
N GLN B 281 7.64 12.01 -20.69
CA GLN B 281 7.55 13.44 -20.95
C GLN B 281 8.43 13.87 -22.11
N PRO B 282 8.09 14.96 -22.77
CA PRO B 282 9.02 15.58 -23.70
C PRO B 282 10.32 15.92 -22.99
N PRO B 283 11.44 15.93 -23.71
CA PRO B 283 11.57 15.77 -25.16
C PRO B 283 11.67 14.32 -25.61
N ARG B 284 11.62 13.34 -24.71
CA ARG B 284 11.77 11.96 -25.13
C ARG B 284 10.46 11.34 -25.62
N TRP B 285 9.32 11.91 -25.25
CA TRP B 285 8.01 11.48 -25.68
C TRP B 285 7.25 12.65 -26.30
N ASN B 286 6.22 12.31 -27.08
CA ASN B 286 5.36 13.38 -27.59
C ASN B 286 4.52 13.96 -26.45
N GLU B 287 4.31 15.28 -26.48
CA GLU B 287 3.56 15.93 -25.40
C GLU B 287 2.12 15.41 -25.29
N LYS B 288 1.55 14.86 -26.37
CA LYS B 288 0.16 14.43 -26.38
C LYS B 288 0.02 12.91 -26.34
N VAL B 289 1.07 12.18 -25.94
CA VAL B 289 1.00 10.72 -25.98
C VAL B 289 -0.15 10.22 -25.10
N ARG B 290 -0.83 9.18 -25.60
CA ARG B 290 -1.92 8.52 -24.88
C ARG B 290 -1.39 7.25 -24.21
N VAL B 291 -1.91 6.92 -23.02
CA VAL B 291 -1.36 5.83 -22.20
C VAL B 291 -2.47 4.86 -21.78
N ILE B 292 -2.27 3.58 -22.10
CA ILE B 292 -2.99 2.47 -21.50
C ILE B 292 -2.02 1.84 -20.52
N GLN B 293 -2.36 1.77 -19.23
CA GLN B 293 -1.37 1.42 -18.22
C GLN B 293 -1.87 0.22 -17.43
N MET B 294 -1.09 -0.85 -17.45
CA MET B 294 -1.43 -2.09 -16.76
C MET B 294 -0.50 -2.24 -15.56
N ASP B 295 -1.05 -2.15 -14.35
CA ASP B 295 -0.21 -2.23 -13.16
C ASP B 295 -1.05 -2.73 -12.00
N ILE B 296 -0.43 -3.52 -11.11
CA ILE B 296 -1.13 -4.02 -9.92
C ILE B 296 -1.35 -2.91 -8.90
N SER B 297 -0.56 -1.84 -8.99
CA SER B 297 -0.63 -0.75 -8.04
C SER B 297 -1.53 0.36 -8.58
N ALA B 298 -2.70 0.55 -7.97
CA ALA B 298 -3.56 1.62 -8.43
C ALA B 298 -2.89 2.99 -8.26
N GLU B 299 -2.15 3.18 -7.15
CA GLU B 299 -1.55 4.50 -6.91
C GLU B 299 -0.50 4.84 -7.97
N GLU B 300 0.04 3.86 -8.67
CA GLU B 300 1.00 4.15 -9.74
C GLU B 300 0.32 4.75 -10.97
N ILE B 301 -0.99 4.53 -11.13
CA ILE B 301 -1.71 4.95 -12.35
C ILE B 301 -1.65 6.46 -12.49
N GLY B 302 -1.22 6.93 -13.65
CA GLY B 302 -1.23 8.35 -13.92
C GLY B 302 -0.09 9.13 -13.32
N THR B 303 0.98 8.47 -12.90
CA THR B 303 2.16 9.17 -12.45
C THR B 303 2.83 9.87 -13.63
N ASN B 304 3.12 11.16 -13.46
CA ASN B 304 3.84 12.01 -14.41
C ASN B 304 3.05 12.42 -15.64
N VAL B 305 2.35 11.48 -16.27
CA VAL B 305 1.54 11.82 -17.43
C VAL B 305 0.20 11.13 -17.24
N PRO B 306 -0.89 11.72 -17.73
CA PRO B 306 -2.22 11.14 -17.51
C PRO B 306 -2.37 9.80 -18.21
N THR B 307 -3.15 8.93 -17.58
CA THR B 307 -3.50 7.65 -18.17
C THR B 307 -4.93 7.68 -18.71
N GLU B 308 -5.07 7.31 -19.99
CA GLU B 308 -6.37 7.31 -20.65
C GLU B 308 -7.20 6.08 -20.27
N VAL B 309 -6.56 4.91 -20.23
CA VAL B 309 -7.24 3.68 -19.80
C VAL B 309 -6.41 3.03 -18.70
N ALA B 310 -6.99 2.91 -17.52
CA ALA B 310 -6.31 2.32 -16.38
C ALA B 310 -6.70 0.85 -16.30
N LEU B 311 -5.73 -0.04 -16.41
CA LEU B 311 -5.94 -1.47 -16.20
C LEU B 311 -5.22 -1.87 -14.91
N VAL B 312 -5.95 -1.79 -13.80
CA VAL B 312 -5.41 -2.09 -12.48
C VAL B 312 -5.66 -3.54 -12.14
N GLY B 313 -4.59 -4.28 -11.84
CA GLY B 313 -4.74 -5.67 -11.45
C GLY B 313 -3.51 -6.46 -11.88
N ASP B 314 -3.66 -7.78 -11.91
CA ASP B 314 -2.55 -8.66 -12.19
C ASP B 314 -2.28 -8.69 -13.70
N ALA B 315 -1.00 -8.64 -14.10
CA ALA B 315 -0.73 -8.54 -15.53
C ALA B 315 -1.13 -9.81 -16.27
N LYS B 316 -0.87 -10.98 -15.71
CA LYS B 316 -1.29 -12.21 -16.38
C LYS B 316 -2.81 -12.23 -16.59
N ALA B 317 -3.55 -11.90 -15.54
CA ALA B 317 -5.00 -11.97 -15.61
C ALA B 317 -5.57 -10.92 -16.53
N ILE B 318 -5.01 -9.70 -16.51
CA ILE B 318 -5.56 -8.66 -17.37
C ILE B 318 -5.21 -8.92 -18.83
N THR B 319 -3.99 -9.37 -19.11
CA THR B 319 -3.66 -9.70 -20.48
C THR B 319 -4.53 -10.84 -21.00
N ALA B 320 -4.84 -11.82 -20.14
CA ALA B 320 -5.80 -12.84 -20.56
C ALA B 320 -7.16 -12.24 -20.86
N GLN B 321 -7.59 -11.23 -20.08
CA GLN B 321 -8.84 -10.54 -20.41
C GLN B 321 -8.76 -9.90 -21.80
N LEU B 322 -7.65 -9.22 -22.09
CA LEU B 322 -7.51 -8.59 -23.40
C LEU B 322 -7.53 -9.63 -24.50
N ASN B 323 -6.85 -10.77 -24.30
CA ASN B 323 -6.83 -11.83 -25.29
C ASN B 323 -8.23 -12.40 -25.51
N ALA B 324 -9.01 -12.57 -24.43
CA ALA B 324 -10.35 -13.13 -24.57
C ALA B 324 -11.27 -12.19 -25.35
N GLU B 325 -11.12 -10.88 -25.14
CA GLU B 325 -11.93 -9.94 -25.89
C GLU B 325 -11.50 -9.85 -27.35
N LEU B 326 -10.19 -9.97 -27.63
CA LEU B 326 -9.75 -10.05 -29.02
C LEU B 326 -10.30 -11.28 -29.74
N GLU B 327 -10.52 -12.37 -29.01
CA GLU B 327 -11.17 -13.52 -29.64
C GLU B 327 -12.60 -13.21 -30.07
N LYS B 328 -13.33 -12.43 -29.26
CA LYS B 328 -14.70 -12.07 -29.57
C LYS B 328 -14.76 -11.01 -30.65
N ASN B 329 -13.83 -10.07 -30.63
CA ASN B 329 -13.81 -8.93 -31.55
C ASN B 329 -12.41 -8.79 -32.11
N PRO B 330 -12.08 -9.60 -33.12
CA PRO B 330 -10.71 -9.64 -33.60
C PRO B 330 -10.24 -8.31 -34.18
N TRP B 331 -8.97 -8.02 -33.96
CA TRP B 331 -8.31 -6.85 -34.51
C TRP B 331 -6.82 -7.12 -34.59
N SER B 332 -6.18 -6.57 -35.63
CA SER B 332 -4.72 -6.52 -35.64
C SER B 332 -4.27 -5.27 -36.38
N TYR B 333 -3.10 -4.79 -35.99
CA TYR B 333 -2.43 -3.64 -36.57
C TYR B 333 -1.82 -4.04 -37.91
N PRO B 334 -2.02 -3.27 -38.97
CA PRO B 334 -1.55 -3.69 -40.30
C PRO B 334 -0.03 -3.83 -40.36
N SER B 335 0.41 -4.81 -41.14
CA SER B 335 1.84 -5.09 -41.18
C SER B 335 2.60 -4.14 -42.10
N GLU B 336 1.91 -3.42 -42.97
CA GLU B 336 2.52 -2.37 -43.79
C GLU B 336 1.88 -1.04 -43.40
N THR B 337 2.63 -0.20 -42.71
CA THR B 337 2.19 1.15 -42.36
C THR B 337 3.41 2.07 -42.38
N THR B 338 3.15 3.37 -42.47
CA THR B 338 4.20 4.39 -42.34
C THR B 338 5.01 4.20 -41.07
N TRP B 339 4.32 3.84 -39.97
CA TRP B 339 4.97 3.61 -38.68
C TRP B 339 5.96 2.44 -38.75
N TRP B 340 5.51 1.28 -39.27
CA TRP B 340 6.44 0.16 -39.43
C TRP B 340 7.62 0.55 -40.32
N THR B 341 7.35 1.29 -41.40
CA THR B 341 8.42 1.64 -42.32
C THR B 341 9.47 2.50 -41.63
N GLY B 342 9.01 3.46 -40.82
CA GLY B 342 9.94 4.30 -40.08
C GLY B 342 10.70 3.51 -39.01
N LEU B 343 9.98 2.67 -38.27
CA LEU B 343 10.64 1.83 -37.27
C LEU B 343 11.72 0.98 -37.93
N GLN B 344 11.40 0.35 -39.05
N GLN B 344 11.38 0.35 -39.05
CA GLN B 344 12.39 -0.55 -39.65
CA GLN B 344 12.34 -0.55 -39.71
C GLN B 344 13.57 0.22 -40.22
C GLN B 344 13.55 0.21 -40.22
N SER B 345 13.33 1.42 -40.75
CA SER B 345 14.44 2.25 -41.22
C SER B 345 15.41 2.58 -40.09
N LYS B 346 14.88 2.92 -38.91
CA LYS B 346 15.75 3.24 -37.77
C LYS B 346 16.48 2.01 -37.28
N ILE B 347 15.79 0.87 -37.26
CA ILE B 347 16.43 -0.38 -36.86
C ILE B 347 17.59 -0.68 -37.80
N ALA B 348 17.37 -0.55 -39.11
CA ALA B 348 18.42 -0.86 -40.06
C ALA B 348 19.59 0.11 -39.92
N ALA B 349 19.29 1.38 -39.68
CA ALA B 349 20.38 2.36 -39.55
C ALA B 349 21.19 2.10 -38.27
N ASN B 350 20.52 1.75 -37.18
CA ASN B 350 21.25 1.47 -35.95
C ASN B 350 22.04 0.16 -36.07
N ALA B 351 21.50 -0.84 -36.78
CA ALA B 351 22.26 -2.05 -37.06
C ALA B 351 23.54 -1.76 -37.85
N ALA B 352 23.42 -0.93 -38.89
CA ALA B 352 24.60 -0.61 -39.71
C ALA B 352 25.64 0.15 -38.90
N THR B 353 25.20 0.98 -37.96
CA THR B 353 26.12 1.74 -37.13
C THR B 353 26.94 0.82 -36.24
N VAL B 354 26.32 -0.19 -35.64
CA VAL B 354 27.05 -1.02 -34.69
C VAL B 354 27.82 -2.17 -35.33
N GLU B 355 27.48 -2.55 -36.54
CA GLU B 355 28.14 -3.72 -37.12
C GLU B 355 29.66 -3.58 -37.16
N PRO B 356 30.22 -2.45 -37.60
CA PRO B 356 31.70 -2.36 -37.57
C PRO B 356 32.29 -2.39 -36.16
N MET B 357 31.53 -1.99 -35.12
CA MET B 357 32.07 -2.07 -33.76
C MET B 357 32.20 -3.53 -33.32
N PHE B 358 31.23 -4.37 -33.71
CA PHE B 358 31.32 -5.81 -33.43
C PHE B 358 32.54 -6.44 -34.07
N ASN B 359 33.01 -5.89 -35.19
CA ASN B 359 34.09 -6.50 -35.93
C ASN B 359 35.40 -5.74 -35.82
N ASP B 360 35.50 -4.84 -34.85
CA ASP B 360 36.69 -4.03 -34.68
C ASP B 360 37.69 -4.78 -33.80
N ASP B 361 38.87 -5.12 -34.35
CA ASP B 361 39.85 -5.93 -33.63
C ASP B 361 40.93 -5.10 -32.95
N SER B 362 40.69 -3.80 -32.80
CA SER B 362 41.66 -2.90 -32.19
C SER B 362 41.99 -3.31 -30.77
N VAL B 363 43.22 -3.00 -30.37
CA VAL B 363 43.68 -3.27 -29.01
C VAL B 363 44.22 -1.94 -28.45
N PRO B 364 43.81 -1.51 -27.25
CA PRO B 364 42.87 -2.13 -26.31
C PRO B 364 41.48 -2.24 -26.91
N MET B 365 40.74 -3.26 -26.52
CA MET B 365 39.52 -3.64 -27.23
C MET B 365 38.33 -2.76 -26.85
N GLY B 366 37.27 -2.85 -27.64
CA GLY B 366 36.07 -2.13 -27.35
C GLY B 366 34.98 -3.00 -26.78
N TYR B 367 33.97 -2.35 -26.20
CA TYR B 367 32.86 -3.10 -25.59
C TYR B 367 32.20 -4.05 -26.57
N TYR B 368 31.87 -3.56 -27.77
CA TYR B 368 31.09 -4.37 -28.70
C TYR B 368 31.88 -5.60 -29.15
N ARG B 369 33.17 -5.46 -29.39
CA ARG B 369 33.96 -6.63 -29.81
C ARG B 369 34.02 -7.68 -28.72
N VAL B 370 34.12 -7.25 -27.46
CA VAL B 370 34.21 -8.20 -26.34
C VAL B 370 32.86 -8.86 -26.12
N LEU B 371 31.80 -8.06 -26.08
CA LEU B 371 30.49 -8.62 -25.81
C LEU B 371 30.01 -9.52 -26.95
N ARG B 372 30.53 -9.33 -28.17
CA ARG B 372 30.19 -10.24 -29.27
C ARG B 372 30.56 -11.67 -28.92
N ASP B 373 31.75 -11.90 -28.38
CA ASP B 373 32.17 -13.27 -28.10
C ASP B 373 31.53 -13.79 -26.82
N ILE B 374 31.24 -12.92 -25.85
CA ILE B 374 30.46 -13.36 -24.70
C ILE B 374 29.09 -13.85 -25.15
N ARG B 375 28.41 -13.04 -25.95
CA ARG B 375 27.06 -13.36 -26.44
C ARG B 375 27.00 -14.75 -27.05
N ASP B 376 27.96 -15.05 -27.93
CA ASP B 376 27.87 -16.28 -28.71
C ASP B 376 28.14 -17.54 -27.89
N LEU B 377 28.65 -17.40 -26.65
CA LEU B 377 28.89 -18.56 -25.79
C LEU B 377 27.87 -18.73 -24.67
N ILE B 378 26.92 -17.82 -24.52
CA ILE B 378 25.95 -17.93 -23.44
C ILE B 378 24.85 -18.90 -23.85
N PRO B 379 24.59 -19.95 -23.07
CA PRO B 379 23.49 -20.87 -23.40
C PRO B 379 22.15 -20.14 -23.41
N LYS B 380 21.25 -20.61 -24.29
CA LYS B 380 19.97 -19.90 -24.46
C LYS B 380 19.12 -19.86 -23.19
N ASP B 381 19.30 -20.81 -22.27
CA ASP B 381 18.54 -20.74 -21.02
C ASP B 381 19.38 -20.33 -19.83
N ALA B 382 20.56 -19.75 -20.06
CA ALA B 382 21.36 -19.27 -18.93
C ALA B 382 20.70 -18.09 -18.24
N ILE B 383 21.10 -17.82 -17.00
CA ILE B 383 20.74 -16.56 -16.34
C ILE B 383 21.92 -15.61 -16.44
N ILE B 384 21.65 -14.36 -16.81
CA ILE B 384 22.66 -13.31 -16.96
C ILE B 384 22.52 -12.32 -15.81
N SER B 385 23.61 -12.11 -15.07
CA SER B 385 23.74 -11.03 -14.11
C SER B 385 24.68 -10.01 -14.74
N ASN B 386 24.19 -8.79 -14.98
CA ASN B 386 24.94 -7.82 -15.77
C ASN B 386 24.90 -6.50 -15.02
N GLU B 387 26.06 -5.96 -14.67
CA GLU B 387 26.10 -4.81 -13.74
C GLU B 387 27.27 -3.90 -14.05
N GLY B 388 27.08 -2.60 -13.92
CA GLY B 388 28.11 -1.62 -14.25
C GLY B 388 27.41 -0.41 -14.82
N ALA B 389 28.16 0.45 -15.51
CA ALA B 389 27.51 1.51 -16.28
C ALA B 389 27.51 1.07 -17.74
N SER B 390 28.54 1.39 -18.52
CA SER B 390 28.53 0.99 -19.93
C SER B 390 28.57 -0.53 -20.12
N THR B 391 29.30 -1.26 -19.27
CA THR B 391 29.25 -2.72 -19.31
C THR B 391 27.81 -3.23 -19.24
N MET B 392 27.01 -2.63 -18.36
CA MET B 392 25.62 -3.06 -18.22
C MET B 392 24.74 -2.50 -19.33
N ASP B 393 24.97 -1.25 -19.73
CA ASP B 393 24.09 -0.62 -20.71
C ASP B 393 24.31 -1.20 -22.10
N ILE B 394 25.57 -1.46 -22.47
CA ILE B 394 25.82 -2.12 -23.74
C ILE B 394 25.49 -3.60 -23.66
N GLY B 395 25.77 -4.24 -22.51
CA GLY B 395 25.33 -5.62 -22.33
C GLY B 395 23.83 -5.78 -22.55
N ARG B 396 23.03 -4.84 -22.06
N ARG B 396 23.05 -4.80 -22.11
CA ARG B 396 21.59 -4.86 -22.25
CA ARG B 396 21.58 -4.89 -22.27
C ARG B 396 21.20 -4.95 -23.73
C ARG B 396 21.25 -5.03 -23.76
N THR B 397 21.88 -4.20 -24.59
CA THR B 397 21.50 -4.24 -26.00
C THR B 397 22.12 -5.42 -26.74
N VAL B 398 23.30 -5.89 -26.33
CA VAL B 398 24.02 -6.92 -27.09
C VAL B 398 23.66 -8.33 -26.65
N LEU B 399 23.35 -8.53 -25.37
CA LEU B 399 23.12 -9.87 -24.85
C LEU B 399 21.62 -10.17 -24.85
N PRO B 400 21.12 -11.04 -25.71
CA PRO B 400 19.68 -11.28 -25.76
C PRO B 400 19.25 -12.24 -24.67
N ASN B 401 17.98 -12.11 -24.28
CA ASN B 401 17.30 -13.06 -23.43
C ASN B 401 16.15 -13.69 -24.18
N PHE B 402 15.96 -14.99 -23.99
CA PHE B 402 14.98 -15.73 -24.73
C PHE B 402 13.84 -16.24 -23.86
N PHE B 403 13.97 -16.13 -22.54
CA PHE B 403 12.97 -16.53 -21.58
C PHE B 403 12.82 -15.43 -20.56
N ALA B 404 11.66 -15.38 -19.91
CA ALA B 404 11.42 -14.36 -18.90
C ALA B 404 12.26 -14.61 -17.64
N ARG B 405 12.61 -13.51 -16.97
CA ARG B 405 13.28 -13.57 -15.68
C ARG B 405 14.66 -14.22 -15.80
N THR B 406 15.35 -13.98 -16.91
CA THR B 406 16.69 -14.52 -17.07
C THR B 406 17.76 -13.44 -17.19
N ARG B 407 17.40 -12.16 -16.97
CA ARG B 407 18.36 -11.08 -16.82
C ARG B 407 18.15 -10.43 -15.46
N LEU B 408 19.23 -10.28 -14.72
CA LEU B 408 19.21 -9.55 -13.45
C LEU B 408 20.26 -8.45 -13.56
N ASP B 409 19.86 -7.20 -13.39
CA ASP B 409 20.81 -6.09 -13.54
C ASP B 409 20.61 -5.10 -12.39
N ALA B 410 21.15 -3.89 -12.55
CA ALA B 410 21.12 -2.94 -11.44
C ALA B 410 19.71 -2.46 -11.13
N ALA B 411 18.78 -2.67 -12.04
CA ALA B 411 17.32 -2.52 -11.88
C ALA B 411 16.97 -1.06 -11.49
N THR B 412 15.84 -0.87 -10.82
CA THR B 412 15.23 0.46 -10.72
C THR B 412 16.07 1.42 -9.88
N PHE B 413 16.76 0.91 -8.87
CA PHE B 413 17.57 1.74 -7.98
C PHE B 413 18.96 1.98 -8.53
N GLY B 414 19.32 1.38 -9.68
CA GLY B 414 20.62 1.67 -10.26
C GLY B 414 21.78 1.26 -9.37
N THR B 415 21.62 0.16 -8.66
CA THR B 415 22.51 -0.20 -7.57
C THR B 415 23.77 -0.91 -8.05
N MET B 416 24.93 -0.41 -7.63
CA MET B 416 26.14 -1.22 -7.66
C MET B 416 26.27 -1.98 -6.34
N GLY B 417 26.71 -3.22 -6.43
CA GLY B 417 26.79 -4.11 -5.29
C GLY B 417 25.94 -5.35 -5.42
N VAL B 418 25.14 -5.45 -6.48
CA VAL B 418 24.14 -6.52 -6.60
C VAL B 418 24.64 -7.71 -7.39
N GLY B 419 25.75 -7.56 -8.14
CA GLY B 419 26.02 -8.49 -9.22
C GLY B 419 26.27 -9.91 -8.73
N ALA B 420 27.22 -10.09 -7.80
CA ALA B 420 27.51 -11.44 -7.34
C ALA B 420 26.34 -12.01 -6.52
N GLY B 421 25.73 -11.18 -5.68
CA GLY B 421 24.62 -11.68 -4.89
C GLY B 421 23.46 -12.13 -5.75
N GLN B 422 23.17 -11.38 -6.82
CA GLN B 422 22.10 -11.83 -7.72
C GLN B 422 22.49 -13.07 -8.51
N ALA B 423 23.78 -13.23 -8.85
CA ALA B 423 24.21 -14.47 -9.51
C ALA B 423 24.07 -15.67 -8.57
N ILE B 424 24.45 -15.50 -7.30
CA ILE B 424 24.30 -16.56 -6.31
C ILE B 424 22.83 -16.90 -6.06
N ALA B 425 21.98 -15.87 -5.97
CA ALA B 425 20.54 -16.12 -5.91
C ALA B 425 20.05 -16.95 -7.10
N ALA B 426 20.43 -16.56 -8.31
CA ALA B 426 19.97 -17.29 -9.50
C ALA B 426 20.48 -18.73 -9.50
N ALA B 427 21.73 -18.95 -9.08
CA ALA B 427 22.26 -20.31 -9.01
C ALA B 427 21.44 -21.14 -8.02
N SER B 428 21.06 -20.54 -6.89
CA SER B 428 20.30 -21.28 -5.88
C SER B 428 18.92 -21.68 -6.38
N VAL B 429 18.24 -20.76 -7.08
CA VAL B 429 16.91 -20.97 -7.65
C VAL B 429 16.97 -21.95 -8.83
N HIS B 430 18.05 -21.89 -9.62
CA HIS B 430 18.18 -22.64 -10.87
C HIS B 430 19.46 -23.44 -10.86
N PRO B 431 19.50 -24.54 -10.09
CA PRO B 431 20.75 -25.30 -10.01
C PRO B 431 21.12 -26.00 -11.28
N ASP B 432 20.19 -26.14 -12.23
CA ASP B 432 20.44 -26.81 -13.49
C ASP B 432 20.94 -25.88 -14.59
N ARG B 433 21.11 -24.57 -14.32
CA ARG B 433 21.43 -23.62 -15.38
C ARG B 433 22.84 -23.08 -15.19
N LYS B 434 23.42 -22.64 -16.30
CA LYS B 434 24.61 -21.81 -16.27
C LYS B 434 24.25 -20.39 -15.81
N ILE B 435 24.99 -19.82 -14.87
CA ILE B 435 24.85 -18.42 -14.49
C ILE B 435 26.09 -17.69 -15.02
N ILE B 436 25.89 -16.61 -15.80
CA ILE B 436 27.00 -15.82 -16.31
C ILE B 436 26.89 -14.42 -15.71
N CYS B 437 27.95 -13.97 -15.08
CA CYS B 437 27.97 -12.70 -14.36
C CYS B 437 28.93 -11.81 -15.13
N VAL B 438 28.43 -10.71 -15.68
CA VAL B 438 29.22 -9.82 -16.54
C VAL B 438 29.22 -8.45 -15.88
N GLN B 439 30.35 -8.05 -15.31
CA GLN B 439 30.42 -6.85 -14.50
C GLN B 439 31.49 -5.90 -15.03
N GLY B 440 31.24 -4.59 -14.91
CA GLY B 440 32.35 -3.67 -15.05
C GLY B 440 33.32 -3.84 -13.89
N ASP B 441 34.53 -3.30 -14.05
CA ASP B 441 35.53 -3.51 -13.01
C ASP B 441 35.13 -2.83 -11.70
N SER B 442 34.57 -1.62 -11.76
CA SER B 442 34.10 -1.01 -10.52
C SER B 442 33.01 -1.85 -9.87
N ALA B 443 31.99 -2.24 -10.64
CA ALA B 443 30.93 -3.08 -10.09
C ALA B 443 31.48 -4.33 -9.41
N PHE B 444 32.44 -4.99 -10.07
CA PHE B 444 33.02 -6.21 -9.48
C PHE B 444 33.53 -5.95 -8.07
N GLY B 445 34.18 -4.81 -7.84
CA GLY B 445 34.83 -4.54 -6.57
C GLY B 445 33.88 -4.30 -5.40
N PHE B 446 32.61 -4.03 -5.67
CA PHE B 446 31.65 -3.82 -4.58
C PHE B 446 31.39 -5.10 -3.81
N GLY B 447 31.44 -6.25 -4.49
CA GLY B 447 31.14 -7.52 -3.83
C GLY B 447 32.07 -8.64 -4.22
N GLY B 448 33.28 -8.29 -4.63
CA GLY B 448 34.15 -9.29 -5.25
C GLY B 448 34.52 -10.46 -4.36
N MET B 449 34.55 -10.26 -3.03
CA MET B 449 34.86 -11.40 -2.15
C MET B 449 33.84 -12.54 -2.30
N GLU B 450 32.64 -12.27 -2.82
CA GLU B 450 31.64 -13.33 -2.93
C GLU B 450 31.95 -14.35 -4.01
N VAL B 451 33.02 -14.16 -4.78
CA VAL B 451 33.42 -15.23 -5.69
C VAL B 451 33.79 -16.45 -4.88
N GLU B 452 34.36 -16.26 -3.68
CA GLU B 452 34.67 -17.42 -2.82
C GLU B 452 33.40 -18.08 -2.31
N THR B 453 32.35 -17.30 -2.04
CA THR B 453 31.06 -17.90 -1.66
C THR B 453 30.52 -18.77 -2.79
N ALA B 454 30.59 -18.29 -4.01
CA ALA B 454 30.12 -19.08 -5.15
C ALA B 454 30.90 -20.39 -5.26
N ALA B 455 32.22 -20.34 -5.04
CA ALA B 455 33.03 -21.55 -5.10
C ALA B 455 32.68 -22.50 -3.96
N ARG B 456 32.53 -21.95 -2.75
CA ARG B 456 32.32 -22.78 -1.56
C ARG B 456 31.04 -23.61 -1.69
N TYR B 457 30.01 -23.05 -2.32
CA TYR B 457 28.75 -23.78 -2.49
C TYR B 457 28.66 -24.50 -3.84
N GLY B 458 29.78 -24.59 -4.57
CA GLY B 458 29.77 -25.36 -5.81
C GLY B 458 28.84 -24.80 -6.87
N LEU B 459 28.66 -23.49 -6.93
CA LEU B 459 27.68 -22.91 -7.83
C LEU B 459 28.23 -22.75 -9.26
N ASN B 460 27.34 -22.91 -10.23
CA ASN B 460 27.71 -22.94 -11.65
C ASN B 460 27.67 -21.52 -12.20
N ILE B 461 28.58 -20.70 -11.69
CA ILE B 461 28.66 -19.28 -12.04
C ILE B 461 30.03 -19.01 -12.65
N THR B 462 30.05 -18.27 -13.76
CA THR B 462 31.30 -17.79 -14.34
C THR B 462 31.31 -16.28 -14.23
N PHE B 463 32.43 -15.71 -13.75
CA PHE B 463 32.54 -14.28 -13.51
C PHE B 463 33.36 -13.64 -14.63
N VAL B 464 32.76 -12.72 -15.36
CA VAL B 464 33.46 -11.99 -16.41
C VAL B 464 33.54 -10.52 -16.00
N ILE B 465 34.74 -9.94 -16.08
CA ILE B 465 34.91 -8.53 -15.72
C ILE B 465 35.37 -7.80 -16.96
N ILE B 466 34.66 -6.72 -17.30
CA ILE B 466 35.07 -5.87 -18.41
C ILE B 466 35.72 -4.65 -17.76
N ASN B 467 37.04 -4.52 -17.96
CA ASN B 467 37.91 -3.69 -17.11
C ASN B 467 38.52 -2.55 -17.92
N ASN B 468 38.08 -1.30 -17.66
CA ASN B 468 38.69 -0.13 -18.29
C ASN B 468 39.42 0.75 -17.27
N ASN B 469 39.82 0.16 -16.13
CA ASN B 469 40.59 0.82 -15.07
C ASN B 469 39.77 1.82 -14.25
N GLY B 470 38.44 1.77 -14.25
CA GLY B 470 37.75 2.61 -13.31
C GLY B 470 36.26 2.75 -13.60
N ILE B 471 35.68 3.76 -12.96
CA ILE B 471 34.26 4.07 -13.08
C ILE B 471 34.11 4.82 -14.39
N GLY B 472 33.72 4.12 -15.45
CA GLY B 472 33.75 4.72 -16.76
C GLY B 472 35.16 4.95 -17.25
N GLY B 473 36.13 4.28 -16.68
CA GLY B 473 37.47 4.31 -17.22
C GLY B 473 38.45 5.04 -16.32
N GLY B 474 39.70 4.58 -16.36
CA GLY B 474 40.80 5.29 -15.73
C GLY B 474 42.06 5.24 -16.57
N PRO B 475 43.05 6.03 -16.19
CA PRO B 475 44.27 6.13 -17.02
C PRO B 475 45.13 4.88 -16.97
N ASP B 476 46.06 4.80 -17.93
CA ASP B 476 46.98 3.65 -17.97
C ASP B 476 48.09 3.74 -16.94
N GLU B 477 48.35 4.93 -16.42
CA GLU B 477 49.38 5.14 -15.40
C GLU B 477 48.85 6.16 -14.41
N LEU B 478 49.00 5.88 -13.12
CA LEU B 478 48.50 6.76 -12.07
C LEU B 478 49.61 7.65 -11.56
N ASP B 479 49.39 8.97 -11.62
CA ASP B 479 50.17 9.98 -10.90
C ASP B 479 49.92 9.78 -9.42
N PRO B 480 50.91 9.33 -8.63
CA PRO B 480 50.60 8.84 -7.27
C PRO B 480 50.09 9.91 -6.33
N ALA B 481 50.36 11.17 -6.61
CA ALA B 481 49.85 12.25 -5.78
C ALA B 481 48.50 12.79 -6.22
N HIS B 482 48.06 12.47 -7.45
N HIS B 482 48.11 12.55 -7.47
CA HIS B 482 46.79 12.98 -7.99
CA HIS B 482 46.80 12.95 -8.01
C HIS B 482 46.02 11.81 -8.63
C HIS B 482 46.15 11.71 -8.62
N ILE B 483 45.47 10.93 -7.79
CA ILE B 483 44.70 9.78 -8.25
C ILE B 483 43.29 10.27 -8.61
N PRO B 484 42.83 10.06 -9.84
CA PRO B 484 41.47 10.49 -10.20
C PRO B 484 40.46 9.76 -9.34
N PRO B 485 39.39 10.45 -8.89
CA PRO B 485 38.53 9.85 -7.86
C PRO B 485 37.89 8.55 -8.29
N GLY B 486 37.76 8.31 -9.60
CA GLY B 486 37.11 7.10 -10.08
C GLY B 486 38.02 6.08 -10.73
N ALA B 487 39.34 6.19 -10.56
CA ALA B 487 40.28 5.27 -11.17
C ALA B 487 40.69 4.18 -10.20
N TYR B 488 41.07 3.02 -10.73
CA TYR B 488 41.71 1.96 -9.94
C TYR B 488 43.11 1.69 -10.49
N THR B 489 43.88 0.88 -9.75
CA THR B 489 45.16 0.37 -10.24
C THR B 489 45.06 -0.05 -11.69
N PRO B 490 45.87 0.49 -12.61
CA PRO B 490 45.77 0.06 -14.01
C PRO B 490 46.11 -1.42 -14.17
N GLN B 491 45.35 -2.09 -15.04
CA GLN B 491 45.49 -3.54 -15.30
C GLN B 491 45.51 -4.34 -13.99
N ALA B 492 44.59 -4.00 -13.10
CA ALA B 492 44.40 -4.73 -11.87
C ALA B 492 44.00 -6.16 -12.17
N HIS B 493 44.70 -7.11 -11.54
CA HIS B 493 44.55 -8.51 -11.91
C HIS B 493 43.53 -9.16 -10.99
N TYR B 494 42.27 -8.79 -11.20
CA TYR B 494 41.19 -9.34 -10.40
C TYR B 494 41.07 -10.84 -10.56
N GLU B 495 41.47 -11.36 -11.72
CA GLU B 495 41.37 -12.81 -11.91
C GLU B 495 42.24 -13.59 -10.94
N LYS B 496 43.24 -12.96 -10.30
CA LYS B 496 44.02 -13.69 -9.30
C LYS B 496 43.19 -14.04 -8.07
N MET B 497 42.03 -13.41 -7.90
CA MET B 497 41.16 -13.81 -6.81
C MET B 497 40.64 -15.23 -6.97
N ALA B 498 40.63 -15.79 -8.19
CA ALA B 498 40.23 -17.18 -8.33
C ALA B 498 41.18 -18.11 -7.58
N ASP B 499 42.44 -17.69 -7.46
CA ASP B 499 43.42 -18.48 -6.70
C ASP B 499 43.10 -18.56 -5.21
N VAL B 500 42.27 -17.66 -4.67
CA VAL B 500 41.87 -17.77 -3.27
C VAL B 500 41.29 -19.15 -2.96
N TYR B 501 40.47 -19.70 -3.88
CA TYR B 501 39.75 -20.96 -3.69
C TYR B 501 40.16 -22.04 -4.67
N GLY B 502 41.24 -21.83 -5.43
CA GLY B 502 41.73 -22.90 -6.27
C GLY B 502 41.05 -22.98 -7.61
N GLY B 503 40.34 -21.92 -7.99
CA GLY B 503 39.80 -21.76 -9.32
C GLY B 503 40.82 -21.22 -10.31
N LYS B 504 40.34 -21.02 -11.54
CA LYS B 504 41.15 -20.57 -12.65
C LYS B 504 40.84 -19.11 -12.99
N GLY B 505 41.88 -18.29 -13.06
CA GLY B 505 41.75 -16.88 -13.42
C GLY B 505 42.37 -16.69 -14.80
N TYR B 506 41.74 -15.86 -15.64
CA TYR B 506 42.24 -15.58 -16.98
C TYR B 506 42.36 -14.08 -17.17
N PHE B 507 43.46 -13.64 -17.78
CA PHE B 507 43.68 -12.23 -18.11
C PHE B 507 43.67 -12.06 -19.62
N VAL B 508 42.76 -11.25 -20.14
CA VAL B 508 42.54 -11.16 -21.59
C VAL B 508 42.82 -9.73 -22.05
N THR B 509 43.69 -9.58 -23.07
CA THR B 509 43.89 -8.29 -23.70
C THR B 509 43.65 -8.25 -25.19
N THR B 510 43.68 -9.38 -25.90
CA THR B 510 43.62 -9.30 -27.36
C THR B 510 42.47 -10.16 -27.89
N PRO B 511 41.91 -9.83 -29.06
CA PRO B 511 40.65 -10.47 -29.48
C PRO B 511 40.78 -11.96 -29.71
N ASP B 512 41.95 -12.41 -30.17
CA ASP B 512 42.13 -13.84 -30.41
C ASP B 512 41.92 -14.65 -29.14
N GLN B 513 42.12 -14.04 -27.97
CA GLN B 513 41.97 -14.77 -26.72
C GLN B 513 40.52 -14.95 -26.30
N LEU B 514 39.60 -14.13 -26.79
CA LEU B 514 38.25 -14.09 -26.20
C LEU B 514 37.55 -15.45 -26.28
N LYS B 515 37.41 -16.00 -27.47
CA LYS B 515 36.62 -17.21 -27.64
C LYS B 515 37.21 -18.41 -26.89
N PRO B 516 38.51 -18.73 -27.04
CA PRO B 516 39.02 -19.90 -26.31
C PRO B 516 39.00 -19.73 -24.81
N VAL B 517 39.30 -18.53 -24.30
CA VAL B 517 39.27 -18.28 -22.86
C VAL B 517 37.84 -18.40 -22.32
N LEU B 518 36.88 -17.77 -22.96
CA LEU B 518 35.52 -17.85 -22.41
C LEU B 518 34.98 -19.27 -22.43
N GLU B 519 35.24 -20.02 -23.51
CA GLU B 519 34.78 -21.41 -23.56
C GLU B 519 35.40 -22.24 -22.43
N GLU B 520 36.71 -22.14 -22.26
N GLU B 520 36.71 -22.14 -22.26
CA GLU B 520 37.37 -22.93 -21.21
CA GLU B 520 37.39 -22.91 -21.22
C GLU B 520 36.88 -22.48 -19.84
C GLU B 520 36.92 -22.48 -19.83
N ALA B 521 36.76 -21.18 -19.62
CA ALA B 521 36.32 -20.69 -18.31
C ALA B 521 34.93 -21.20 -17.96
N MET B 522 33.99 -21.12 -18.91
CA MET B 522 32.63 -21.57 -18.62
C MET B 522 32.56 -23.05 -18.32
N ALA B 523 33.55 -23.82 -18.75
CA ALA B 523 33.53 -25.26 -18.52
C ALA B 523 34.25 -25.68 -17.24
N GLN B 524 34.86 -24.75 -16.49
CA GLN B 524 35.61 -25.10 -15.28
C GLN B 524 34.68 -25.64 -14.21
N PRO B 525 35.11 -26.63 -13.44
CA PRO B 525 34.27 -27.13 -12.35
C PRO B 525 34.18 -26.20 -11.14
N LYS B 526 35.09 -25.26 -10.98
CA LYS B 526 34.95 -24.19 -9.98
C LYS B 526 34.69 -22.89 -10.72
N PRO B 527 34.10 -21.86 -10.07
CA PRO B 527 33.89 -20.59 -10.78
C PRO B 527 35.20 -20.00 -11.27
N ALA B 528 35.27 -19.72 -12.57
CA ALA B 528 36.41 -19.02 -13.13
C ALA B 528 36.16 -17.53 -13.11
N ILE B 529 37.25 -16.76 -13.21
CA ILE B 529 37.17 -15.29 -13.35
C ILE B 529 37.89 -14.90 -14.62
N VAL B 530 37.20 -14.20 -15.51
CA VAL B 530 37.80 -13.73 -16.76
C VAL B 530 37.85 -12.21 -16.69
N ASN B 531 39.06 -11.66 -16.65
CA ASN B 531 39.30 -10.22 -16.50
C ASN B 531 39.75 -9.73 -17.87
N ILE B 532 38.88 -8.98 -18.56
CA ILE B 532 39.07 -8.57 -19.95
C ILE B 532 39.38 -7.08 -19.97
N MET B 533 40.56 -6.71 -20.46
CA MET B 533 40.88 -5.28 -20.54
C MET B 533 40.25 -4.68 -21.78
N ILE B 534 39.68 -3.48 -21.62
CA ILE B 534 39.18 -2.72 -22.75
C ILE B 534 39.74 -1.30 -22.69
N SER B 535 39.68 -0.62 -23.84
CA SER B 535 40.07 0.79 -23.92
C SER B 535 39.24 1.64 -22.98
N ASN B 536 39.90 2.62 -22.34
CA ASN B 536 39.18 3.60 -21.54
C ASN B 536 38.54 4.69 -22.40
N LYS B 537 38.62 4.58 -23.72
CA LYS B 537 37.92 5.46 -24.65
C LYS B 537 36.71 4.79 -25.28
N SER B 538 36.54 3.48 -25.10
CA SER B 538 35.42 2.80 -25.74
C SER B 538 34.13 3.19 -25.06
N GLY B 539 33.07 3.35 -25.86
CA GLY B 539 31.79 3.67 -25.29
C GLY B 539 30.67 3.14 -26.17
N ARG B 540 29.44 3.46 -25.76
CA ARG B 540 28.25 2.97 -26.43
C ARG B 540 28.03 3.72 -27.73
N LYS B 541 27.18 3.12 -28.58
CA LYS B 541 26.69 3.78 -29.77
C LYS B 541 26.21 5.19 -29.45
N PRO B 542 26.61 6.21 -30.22
CA PRO B 542 26.11 7.57 -29.96
C PRO B 542 24.59 7.64 -30.07
N GLN B 543 23.99 8.52 -29.28
CA GLN B 543 22.55 8.73 -29.27
C GLN B 543 22.23 10.22 -29.28
N GLU B 544 21.04 10.55 -29.79
CA GLU B 544 20.58 11.94 -29.70
C GLU B 544 20.45 12.40 -28.26
N PHE B 545 20.00 11.51 -27.36
CA PHE B 545 19.70 11.86 -25.98
C PHE B 545 20.45 10.95 -25.02
N GLY B 546 20.92 11.51 -23.92
CA GLY B 546 21.49 10.68 -22.86
C GLY B 546 20.41 9.96 -22.08
N TRP B 547 20.78 8.82 -21.49
CA TRP B 547 19.79 8.02 -20.78
C TRP B 547 19.24 8.75 -19.55
N LEU B 548 20.03 9.66 -18.95
CA LEU B 548 19.61 10.35 -17.72
C LEU B 548 18.94 11.66 -18.09
N THR B 549 17.61 11.62 -18.18
CA THR B 549 16.83 12.81 -18.54
C THR B 549 16.81 13.83 -17.38
#